data_2BNL
#
_entry.id   2BNL
#
_cell.length_a   136.062
_cell.length_b   136.062
_cell.length_c   113.296
_cell.angle_alpha   90.00
_cell.angle_beta   90.00
_cell.angle_gamma   120.00
#
_symmetry.space_group_name_H-M   'P 32 1 2'
#
loop_
_entity.id
_entity.type
_entity.pdbx_description
1 polymer 'MODULATOR PROTEIN RSBR'
2 non-polymer 'SODIUM ION'
3 water water
#
_entity_poly.entity_id   1
_entity_poly.type   'polypeptide(L)'
_entity_poly.pdbx_seq_one_letter_code
;(MSE)(MSE)SNQTVYQFIAENQNELLQLWTDTLKELSEQESYQLTDQVYENISKEYIDILLLSVKDENAAESQISELAL
RAVQIGLS(MSE)KFLATALAEFWKRLYTK(MSE)NDKRLPDQESTELIWQIDRFFSPINTEIFNQYSISWE
;
_entity_poly.pdbx_strand_id   A,B,C,D,E,F
#
loop_
_chem_comp.id
_chem_comp.type
_chem_comp.name
_chem_comp.formula
NA non-polymer 'SODIUM ION' 'Na 1'
#
# COMPACT_ATOMS: atom_id res chain seq x y z
N SER A 3 15.19 16.48 44.83
CA SER A 3 13.92 16.73 45.55
C SER A 3 12.72 17.04 44.58
N ASN A 4 11.60 16.47 44.95
CA ASN A 4 10.34 16.60 44.25
C ASN A 4 9.43 17.52 45.03
N GLN A 5 9.98 18.28 45.99
CA GLN A 5 9.16 19.09 46.91
C GLN A 5 8.23 20.07 46.19
N THR A 6 8.77 20.77 45.20
CA THR A 6 8.00 21.80 44.51
C THR A 6 6.73 21.22 43.80
N VAL A 7 6.91 20.16 43.00
CA VAL A 7 5.82 19.55 42.31
C VAL A 7 4.89 18.89 43.30
N TYR A 8 5.46 18.13 44.22
CA TYR A 8 4.60 17.43 45.22
C TYR A 8 3.69 18.41 45.93
N GLN A 9 4.27 19.51 46.42
CA GLN A 9 3.50 20.54 47.10
C GLN A 9 2.37 21.15 46.28
N PHE A 10 2.60 21.35 44.99
CA PHE A 10 1.60 21.88 44.17
C PHE A 10 0.47 20.88 44.01
N ILE A 11 0.79 19.61 43.82
CA ILE A 11 -0.25 18.59 43.75
C ILE A 11 -1.01 18.53 45.04
N ALA A 12 -0.31 18.49 46.21
CA ALA A 12 -0.98 18.44 47.50
C ALA A 12 -1.96 19.61 47.71
N GLU A 13 -1.62 20.83 47.24
CA GLU A 13 -2.41 22.02 47.43
C GLU A 13 -3.51 22.22 46.41
N ASN A 14 -3.58 21.38 45.39
CA ASN A 14 -4.49 21.59 44.24
C ASN A 14 -5.19 20.32 43.86
N GLN A 15 -5.49 19.50 44.88
CA GLN A 15 -5.96 18.17 44.64
C GLN A 15 -7.30 18.15 43.88
N ASN A 16 -8.25 18.91 44.40
CA ASN A 16 -9.60 18.91 43.74
C ASN A 16 -9.54 19.42 42.33
N GLU A 17 -8.75 20.46 42.09
CA GLU A 17 -8.58 21.01 40.75
C GLU A 17 -7.97 19.99 39.80
N LEU A 18 -6.90 19.31 40.26
CA LEU A 18 -6.27 18.33 39.42
C LEU A 18 -7.16 17.14 39.09
N LEU A 19 -7.92 16.69 40.04
CA LEU A 19 -8.80 15.59 39.89
C LEU A 19 -9.78 15.94 38.71
N GLN A 20 -10.34 17.16 38.76
CA GLN A 20 -11.27 17.61 37.71
C GLN A 20 -10.57 17.69 36.36
N LEU A 21 -9.38 18.27 36.34
CA LEU A 21 -8.62 18.39 35.11
C LEU A 21 -8.32 17.02 34.44
N TRP A 22 -7.83 16.09 35.24
CA TRP A 22 -7.51 14.77 34.81
C TRP A 22 -8.71 13.93 34.45
N THR A 23 -9.82 14.10 35.18
CA THR A 23 -11.06 13.43 34.85
C THR A 23 -11.53 13.91 33.48
N ASP A 24 -11.48 15.21 33.25
CA ASP A 24 -11.85 15.78 31.96
C ASP A 24 -10.98 15.34 30.84
N THR A 25 -9.68 15.18 31.10
CA THR A 25 -8.74 14.66 30.07
C THR A 25 -9.14 13.25 29.68
N LEU A 26 -9.44 12.37 30.66
CA LEU A 26 -9.86 11.00 30.38
C LEU A 26 -11.11 10.96 29.55
N LYS A 27 -12.05 11.80 29.92
CA LYS A 27 -13.30 11.84 29.23
C LYS A 27 -13.11 12.27 27.80
N GLU A 28 -12.30 13.31 27.60
CA GLU A 28 -11.99 13.83 26.24
C GLU A 28 -11.37 12.74 25.41
N LEU A 29 -10.43 12.03 25.98
CA LEU A 29 -9.79 10.97 25.26
C LEU A 29 -10.70 9.81 24.97
N SER A 30 -11.61 9.51 25.90
CA SER A 30 -12.52 8.35 25.71
C SER A 30 -13.46 8.53 24.49
N GLU A 31 -13.75 9.78 24.18
CA GLU A 31 -14.58 10.15 23.04
C GLU A 31 -14.04 9.72 21.71
N GLN A 32 -12.76 9.44 21.64
CA GLN A 32 -12.16 8.86 20.46
C GLN A 32 -12.09 7.34 20.53
N GLU A 33 -12.55 6.70 21.60
CA GLU A 33 -12.49 5.24 21.68
C GLU A 33 -13.91 4.73 21.24
N SER A 34 -14.06 3.41 21.19
CA SER A 34 -15.33 2.80 20.65
C SER A 34 -16.45 2.80 21.72
N TYR A 35 -16.09 2.99 22.98
CA TYR A 35 -17.10 3.17 23.98
C TYR A 35 -16.51 4.11 25.05
N GLN A 36 -17.44 4.77 25.76
CA GLN A 36 -17.08 5.56 26.92
C GLN A 36 -17.60 4.88 28.18
N LEU A 37 -16.74 4.84 29.20
CA LEU A 37 -17.18 4.46 30.51
C LEU A 37 -17.89 5.68 31.19
N THR A 38 -18.17 5.55 32.50
CA THR A 38 -18.91 6.55 33.18
C THR A 38 -17.98 7.66 33.70
N ASP A 39 -18.59 8.82 34.01
CA ASP A 39 -17.83 9.85 34.74
C ASP A 39 -17.16 9.36 36.00
N GLN A 40 -17.91 8.62 36.86
CA GLN A 40 -17.37 8.07 38.06
C GLN A 40 -16.18 7.12 37.83
N VAL A 41 -16.18 6.29 36.78
CA VAL A 41 -15.08 5.41 36.50
C VAL A 41 -13.85 6.25 36.24
N TYR A 42 -14.00 7.30 35.45
CA TYR A 42 -12.79 8.13 35.13
C TYR A 42 -12.35 8.94 36.30
N GLU A 43 -13.31 9.48 37.07
CA GLU A 43 -12.96 10.14 38.32
C GLU A 43 -12.15 9.23 39.29
N ASN A 44 -12.58 8.01 39.41
CA ASN A 44 -11.96 7.05 40.28
C ASN A 44 -10.54 6.71 39.83
N ILE A 45 -10.34 6.63 38.54
CA ILE A 45 -8.97 6.54 37.99
C ILE A 45 -8.07 7.72 38.33
N SER A 46 -8.59 8.95 38.15
CA SER A 46 -7.84 10.14 38.50
C SER A 46 -7.52 10.18 39.97
N LYS A 47 -8.49 9.79 40.80
CA LYS A 47 -8.28 9.79 42.24
C LYS A 47 -7.24 8.73 42.66
N GLU A 48 -7.31 7.56 42.09
CA GLU A 48 -6.34 6.46 42.38
C GLU A 48 -4.98 6.94 41.95
N TYR A 49 -4.89 7.60 40.81
CA TYR A 49 -3.56 8.17 40.36
C TYR A 49 -2.99 9.26 41.25
N ILE A 50 -3.83 10.23 41.62
CA ILE A 50 -3.37 11.24 42.55
C ILE A 50 -2.84 10.59 43.90
N ASP A 51 -3.54 9.60 44.41
CA ASP A 51 -3.19 8.91 45.64
C ASP A 51 -1.81 8.25 45.49
N ILE A 52 -1.53 7.69 44.32
CA ILE A 52 -0.15 7.24 43.93
C ILE A 52 0.90 8.34 44.00
N LEU A 53 0.57 9.49 43.45
CA LEU A 53 1.47 10.59 43.42
C LEU A 53 1.79 11.01 44.84
N LEU A 54 0.77 11.09 45.70
CA LEU A 54 0.93 11.61 47.08
C LEU A 54 1.83 10.67 47.97
N LEU A 55 1.95 9.40 47.59
CA LEU A 55 2.82 8.39 48.21
C LEU A 55 4.20 8.39 47.63
N SER A 56 4.43 9.10 46.55
CA SER A 56 5.67 8.98 45.67
C SER A 56 6.71 10.10 45.74
N VAL A 57 6.77 10.81 46.87
CA VAL A 57 7.68 11.97 46.92
C VAL A 57 9.19 11.56 46.74
N LYS A 58 9.54 10.37 47.20
CA LYS A 58 10.87 9.85 47.11
C LYS A 58 11.04 9.16 45.77
N ASP A 59 10.14 8.23 45.47
CA ASP A 59 10.22 7.41 44.27
C ASP A 59 8.93 6.63 44.19
N GLU A 60 8.91 5.75 43.19
CA GLU A 60 7.78 4.91 42.89
C GLU A 60 7.57 3.65 43.75
N ASN A 61 8.42 3.44 44.74
CA ASN A 61 8.38 2.20 45.52
C ASN A 61 7.29 2.10 46.57
N ALA A 62 6.98 3.21 47.23
CA ALA A 62 5.98 3.16 48.32
C ALA A 62 4.57 2.82 47.81
N ALA A 63 4.30 3.23 46.59
CA ALA A 63 2.99 3.04 45.93
C ALA A 63 2.90 1.76 45.10
N GLU A 64 3.78 0.79 45.35
CA GLU A 64 3.78 -0.53 44.66
C GLU A 64 2.41 -1.17 44.47
N SER A 65 1.73 -1.37 45.56
CA SER A 65 0.46 -2.01 45.59
C SER A 65 -0.66 -1.15 44.87
N GLN A 66 -0.64 0.15 45.11
CA GLN A 66 -1.58 1.06 44.51
C GLN A 66 -1.38 1.09 42.97
N ILE A 67 -0.09 1.14 42.55
CA ILE A 67 0.31 1.05 41.17
C ILE A 67 -0.22 -0.18 40.49
N SER A 68 -0.02 -1.29 41.14
CA SER A 68 -0.36 -2.57 40.57
C SER A 68 -1.89 -2.69 40.41
N GLU A 69 -2.61 -2.26 41.42
CA GLU A 69 -4.07 -2.18 41.36
C GLU A 69 -4.61 -1.25 40.27
N LEU A 70 -4.02 -0.06 40.15
CA LEU A 70 -4.49 0.84 39.11
C LEU A 70 -4.28 0.21 37.71
N ALA A 71 -3.12 -0.41 37.48
CA ALA A 71 -2.77 -0.94 36.16
C ALA A 71 -3.67 -2.11 35.80
N LEU A 72 -3.89 -2.99 36.75
CA LEU A 72 -4.77 -4.12 36.58
C LEU A 72 -6.21 -3.74 36.27
N ARG A 73 -6.70 -2.72 36.97
CA ARG A 73 -8.05 -2.20 36.69
C ARG A 73 -8.10 -1.65 35.29
N ALA A 74 -7.10 -0.87 34.91
CA ALA A 74 -7.03 -0.37 33.54
C ALA A 74 -7.17 -1.45 32.42
N VAL A 75 -6.39 -2.48 32.55
CA VAL A 75 -6.52 -3.67 31.74
C VAL A 75 -7.93 -4.20 31.78
N GLN A 76 -8.49 -4.40 32.98
CA GLN A 76 -9.75 -5.16 33.09
C GLN A 76 -10.94 -4.41 32.51
N ILE A 77 -10.86 -3.06 32.58
CA ILE A 77 -11.93 -2.21 32.08
C ILE A 77 -11.75 -1.95 30.64
N GLY A 78 -10.66 -2.42 29.98
CA GLY A 78 -10.56 -2.27 28.52
C GLY A 78 -9.79 -1.01 28.04
N LEU A 79 -9.08 -0.32 28.92
CA LEU A 79 -8.17 0.78 28.47
C LEU A 79 -6.95 0.09 27.84
N SER A 80 -6.59 0.45 26.62
CA SER A 80 -5.32 -0.01 26.02
C SER A 80 -4.15 0.69 26.60
N MSE A 81 -2.97 0.14 26.31
CA MSE A 81 -1.71 0.69 26.79
C MSE A 81 -1.57 2.01 26.10
O MSE A 81 -1.10 2.95 26.68
CB MSE A 81 -0.51 -0.22 26.47
CG MSE A 81 0.74 0.41 26.61
SE MSE A 81 1.32 0.64 28.45
CE MSE A 81 1.52 1.91 28.16
N LYS A 82 -1.90 2.04 24.84
CA LYS A 82 -1.87 3.28 24.02
C LYS A 82 -2.67 4.39 24.74
N PHE A 83 -3.93 4.10 25.10
CA PHE A 83 -4.83 5.03 25.79
C PHE A 83 -4.23 5.47 27.13
N LEU A 84 -3.80 4.48 27.90
CA LEU A 84 -3.20 4.78 29.17
C LEU A 84 -2.00 5.69 29.05
N ALA A 85 -1.07 5.34 28.15
CA ALA A 85 0.17 6.11 28.00
C ALA A 85 -0.13 7.49 27.42
N THR A 86 -1.12 7.63 26.56
CA THR A 86 -1.52 8.94 26.09
C THR A 86 -2.10 9.79 27.19
N ALA A 87 -2.99 9.22 28.02
CA ALA A 87 -3.56 9.88 29.15
C ALA A 87 -2.59 10.38 30.16
N LEU A 88 -1.72 9.50 30.58
CA LEU A 88 -0.69 9.91 31.54
C LEU A 88 0.19 11.06 31.02
N ALA A 89 0.61 10.98 29.77
CA ALA A 89 1.38 12.08 29.05
C ALA A 89 0.63 13.44 29.14
N GLU A 90 -0.67 13.39 28.82
CA GLU A 90 -1.50 14.57 28.93
C GLU A 90 -1.70 15.05 30.36
N PHE A 91 -1.76 14.14 31.38
CA PHE A 91 -1.92 14.52 32.75
C PHE A 91 -0.78 15.50 33.16
N TRP A 92 0.49 15.15 32.87
CA TRP A 92 1.60 15.98 33.35
C TRP A 92 1.66 17.31 32.55
N LYS A 93 1.26 17.24 31.29
CA LYS A 93 1.30 18.39 30.43
C LYS A 93 0.28 19.43 30.80
N ARG A 94 -0.87 18.92 31.26
CA ARG A 94 -1.86 19.76 31.77
C ARG A 94 -1.55 20.38 33.12
N LEU A 95 -0.83 19.63 33.96
CA LEU A 95 -0.33 20.15 35.21
C LEU A 95 0.76 21.22 34.92
N TYR A 96 1.61 20.96 33.92
CA TYR A 96 2.53 21.96 33.48
C TYR A 96 1.86 23.32 33.17
N THR A 97 0.84 23.30 32.36
CA THR A 97 0.11 24.55 31.97
C THR A 97 -0.38 25.27 33.26
N LYS A 98 -0.98 24.53 34.21
CA LYS A 98 -1.40 25.07 35.50
C LYS A 98 -0.28 25.71 36.25
N MSE A 99 0.78 24.94 36.46
CA MSE A 99 1.91 25.43 37.24
C MSE A 99 2.67 26.56 36.57
O MSE A 99 3.17 27.48 37.23
CB MSE A 99 2.89 24.27 37.50
CG MSE A 99 2.32 23.30 38.47
SE MSE A 99 3.68 21.98 39.07
CE MSE A 99 4.83 23.27 40.26
N ASN A 100 2.79 26.48 35.24
CA ASN A 100 3.60 27.41 34.48
C ASN A 100 3.00 28.78 34.51
N ASP A 101 1.67 28.81 34.52
CA ASP A 101 0.95 30.05 34.64
C ASP A 101 1.05 30.67 36.01
N LYS A 102 1.57 29.92 36.96
CA LYS A 102 2.04 30.54 38.18
C LYS A 102 3.56 30.57 38.05
N GLU A 108 12.05 29.55 35.72
CA GLU A 108 12.08 29.13 34.28
C GLU A 108 11.06 28.00 33.99
N SER A 109 10.44 28.10 32.83
CA SER A 109 9.58 27.04 32.29
C SER A 109 10.30 25.70 32.10
N THR A 110 11.52 25.78 31.58
CA THR A 110 12.30 24.61 31.29
C THR A 110 12.58 23.84 32.59
N GLU A 111 13.03 24.53 33.61
CA GLU A 111 13.24 23.85 34.88
C GLU A 111 11.97 23.28 35.52
N LEU A 112 10.84 23.98 35.43
CA LEU A 112 9.58 23.39 35.74
C LEU A 112 9.25 22.08 35.01
N ILE A 113 9.44 22.01 33.70
CA ILE A 113 9.29 20.79 33.00
C ILE A 113 10.17 19.67 33.54
N TRP A 114 11.44 19.95 33.78
CA TRP A 114 12.32 18.92 34.29
C TRP A 114 11.96 18.44 35.72
N GLN A 115 11.43 19.36 36.52
CA GLN A 115 10.89 19.04 37.84
C GLN A 115 9.72 18.15 37.75
N ILE A 116 8.88 18.46 36.81
CA ILE A 116 7.72 17.62 36.58
C ILE A 116 8.08 16.23 36.10
N ASP A 117 9.00 16.19 35.15
CA ASP A 117 9.43 14.92 34.52
C ASP A 117 10.10 14.02 35.62
N ARG A 118 10.96 14.64 36.40
CA ARG A 118 11.66 13.93 37.46
C ARG A 118 10.71 13.18 38.43
N PHE A 119 9.64 13.86 38.79
CA PHE A 119 8.62 13.28 39.68
C PHE A 119 7.78 12.19 39.03
N PHE A 120 7.22 12.47 37.83
CA PHE A 120 6.26 11.62 37.19
C PHE A 120 6.84 10.47 36.42
N SER A 121 8.01 10.68 35.77
CA SER A 121 8.55 9.68 34.84
C SER A 121 8.68 8.26 35.48
N PRO A 122 9.35 8.14 36.63
CA PRO A 122 9.43 6.78 37.27
C PRO A 122 8.08 6.14 37.74
N ILE A 123 7.15 6.99 38.15
CA ILE A 123 5.79 6.53 38.47
C ILE A 123 5.09 5.99 37.26
N ASN A 124 5.09 6.80 36.19
CA ASN A 124 4.42 6.33 34.96
C ASN A 124 5.03 5.12 34.33
N THR A 125 6.36 5.05 34.31
CA THR A 125 7.06 3.84 33.77
C THR A 125 6.69 2.57 34.56
N GLU A 126 6.51 2.73 35.84
CA GLU A 126 6.17 1.61 36.72
C GLU A 126 4.70 1.24 36.45
N ILE A 127 3.85 2.22 36.30
CA ILE A 127 2.52 1.90 35.83
C ILE A 127 2.49 1.13 34.49
N PHE A 128 3.24 1.60 33.51
CA PHE A 128 3.26 0.92 32.23
C PHE A 128 3.73 -0.55 32.47
N ASN A 129 4.80 -0.69 33.29
CA ASN A 129 5.33 -2.04 33.57
C ASN A 129 4.27 -2.97 34.13
N GLN A 130 3.47 -2.47 35.07
CA GLN A 130 2.45 -3.33 35.78
C GLN A 130 1.28 -3.60 34.87
N TYR A 131 1.03 -2.68 33.97
CA TYR A 131 0.03 -2.88 32.92
C TYR A 131 0.39 -4.12 32.07
N SER A 132 1.62 -4.10 31.55
CA SER A 132 2.13 -5.16 30.67
C SER A 132 2.23 -6.48 31.44
N ILE A 133 2.72 -6.42 32.66
CA ILE A 133 2.88 -7.60 33.54
C ILE A 133 1.57 -8.23 33.77
N SER A 134 0.49 -7.47 33.86
CA SER A 134 -0.84 -8.08 34.06
C SER A 134 -1.08 -9.14 32.97
N TRP A 135 -0.44 -9.00 31.82
CA TRP A 135 -0.60 -9.98 30.71
C TRP A 135 0.46 -11.08 30.70
N GLU A 136 1.74 -10.69 30.85
CA GLU A 136 2.88 -11.61 30.99
C GLU A 136 2.54 -12.66 32.09
N SER B 3 6.78 20.37 9.79
CA SER B 3 5.88 20.15 11.06
C SER B 3 6.77 19.51 12.19
N ASN B 4 7.27 18.30 11.91
CA ASN B 4 8.32 17.70 12.74
C ASN B 4 9.67 17.89 12.08
N GLN B 5 9.78 18.88 11.22
CA GLN B 5 10.93 19.03 10.38
C GLN B 5 12.25 19.31 11.18
N THR B 6 12.19 20.16 12.18
CA THR B 6 13.39 20.57 12.93
C THR B 6 13.99 19.38 13.71
N VAL B 7 13.10 18.62 14.36
CA VAL B 7 13.55 17.43 15.03
C VAL B 7 13.96 16.35 14.04
N TYR B 8 13.14 16.08 13.03
CA TYR B 8 13.46 15.07 12.07
C TYR B 8 14.81 15.30 11.45
N GLN B 9 14.97 16.53 11.01
CA GLN B 9 16.23 16.91 10.33
C GLN B 9 17.50 16.82 11.22
N PHE B 10 17.33 17.21 12.48
CA PHE B 10 18.42 17.03 13.45
C PHE B 10 18.82 15.55 13.63
N ILE B 11 17.83 14.67 13.79
CA ILE B 11 18.11 13.27 13.90
C ILE B 11 18.85 12.81 12.65
N ALA B 12 18.38 13.26 11.48
CA ALA B 12 18.94 12.74 10.23
C ALA B 12 20.35 13.16 10.07
N GLU B 13 20.59 14.39 10.48
CA GLU B 13 21.93 14.93 10.41
C GLU B 13 22.89 14.47 11.53
N ASN B 14 22.40 13.82 12.58
CA ASN B 14 23.23 13.52 13.74
C ASN B 14 23.16 12.06 14.14
N GLN B 15 22.95 11.19 13.14
CA GLN B 15 22.62 9.77 13.34
C GLN B 15 23.68 9.02 14.07
N ASN B 16 24.93 9.21 13.61
CA ASN B 16 26.07 8.53 14.20
C ASN B 16 26.29 8.89 15.66
N GLU B 17 26.22 10.17 15.99
CA GLU B 17 26.33 10.59 17.37
C GLU B 17 25.14 10.15 18.24
N LEU B 18 23.90 10.22 17.70
CA LEU B 18 22.73 9.67 18.44
C LEU B 18 22.81 8.19 18.72
N LEU B 19 23.31 7.42 17.76
CA LEU B 19 23.50 6.02 17.90
C LEU B 19 24.42 5.75 19.08
N GLN B 20 25.52 6.52 19.19
CA GLN B 20 26.45 6.26 20.23
C GLN B 20 25.85 6.67 21.58
N LEU B 21 25.27 7.87 21.57
CA LEU B 21 24.58 8.36 22.73
C LEU B 21 23.56 7.39 23.32
N TRP B 22 22.68 6.83 22.46
CA TRP B 22 21.64 5.97 22.91
C TRP B 22 22.14 4.60 23.31
N THR B 23 23.13 4.11 22.56
CA THR B 23 23.80 2.83 22.96
C THR B 23 24.33 3.00 24.34
N ASP B 24 25.05 4.10 24.62
CA ASP B 24 25.59 4.38 25.95
C ASP B 24 24.55 4.53 26.99
N THR B 25 23.41 5.15 26.66
CA THR B 25 22.26 5.18 27.57
C THR B 25 21.74 3.78 27.95
N LEU B 26 21.60 2.84 26.95
CA LEU B 26 21.15 1.45 27.21
C LEU B 26 22.14 0.77 28.07
N LYS B 27 23.46 0.93 27.77
CA LYS B 27 24.45 0.30 28.59
C LYS B 27 24.47 0.77 30.06
N GLU B 28 24.32 2.07 30.27
CA GLU B 28 24.28 2.61 31.61
C GLU B 28 23.09 2.12 32.39
N LEU B 29 21.92 2.07 31.75
CA LEU B 29 20.75 1.57 32.41
C LEU B 29 20.83 0.10 32.71
N SER B 30 21.49 -0.66 31.82
CA SER B 30 21.66 -2.11 31.98
C SER B 30 22.48 -2.46 33.24
N GLU B 31 23.38 -1.57 33.60
CA GLU B 31 24.22 -1.81 34.79
C GLU B 31 23.37 -1.81 36.07
N GLN B 32 22.14 -1.24 36.00
CA GLN B 32 21.22 -1.35 37.13
C GLN B 32 20.42 -2.63 37.10
N GLU B 33 20.62 -3.47 36.10
CA GLU B 33 19.84 -4.69 35.99
C GLU B 33 20.70 -5.88 36.43
N SER B 34 20.06 -7.03 36.56
CA SER B 34 20.72 -8.18 37.21
C SER B 34 21.70 -8.79 36.23
N TYR B 35 21.50 -8.57 34.92
CA TYR B 35 22.55 -8.87 33.93
C TYR B 35 22.52 -7.88 32.75
N GLN B 36 23.63 -7.83 32.01
CA GLN B 36 23.87 -6.86 30.93
C GLN B 36 24.04 -7.65 29.68
N LEU B 37 23.25 -7.32 28.65
CA LEU B 37 23.46 -7.86 27.32
C LEU B 37 24.75 -7.21 26.77
N THR B 38 25.14 -7.58 25.58
CA THR B 38 26.43 -7.14 25.04
C THR B 38 26.21 -5.86 24.34
N ASP B 39 27.28 -5.14 24.15
CA ASP B 39 27.20 -3.82 23.43
C ASP B 39 26.52 -3.92 22.07
N GLN B 40 26.91 -4.94 21.29
CA GLN B 40 26.27 -5.03 19.96
C GLN B 40 24.77 -5.17 20.02
N VAL B 41 24.28 -5.87 21.05
CA VAL B 41 22.87 -6.04 21.17
C VAL B 41 22.20 -4.63 21.37
N TYR B 42 22.76 -3.82 22.29
CA TYR B 42 22.23 -2.46 22.56
C TYR B 42 22.38 -1.57 21.35
N GLU B 43 23.52 -1.66 20.65
CA GLU B 43 23.71 -0.89 19.45
C GLU B 43 22.68 -1.19 18.36
N ASN B 44 22.44 -2.48 18.09
CA ASN B 44 21.36 -2.87 17.20
C ASN B 44 19.97 -2.34 17.62
N ILE B 45 19.66 -2.33 18.91
CA ILE B 45 18.40 -1.73 19.38
C ILE B 45 18.37 -0.23 19.06
N SER B 46 19.47 0.46 19.41
CA SER B 46 19.57 1.84 19.07
C SER B 46 19.32 2.12 17.54
N LYS B 47 19.98 1.37 16.70
CA LYS B 47 19.89 1.55 15.26
C LYS B 47 18.47 1.29 14.78
N GLU B 48 17.85 0.27 15.33
CA GLU B 48 16.44 -0.04 14.94
C GLU B 48 15.52 1.10 15.31
N TYR B 49 15.72 1.63 16.51
CA TYR B 49 15.00 2.80 16.96
C TYR B 49 15.14 4.02 16.04
N ILE B 50 16.39 4.34 15.70
CA ILE B 50 16.66 5.44 14.77
C ILE B 50 15.97 5.20 13.45
N ASP B 51 16.01 3.99 12.93
CA ASP B 51 15.23 3.69 11.75
C ASP B 51 13.71 4.01 11.89
N ILE B 52 13.08 3.53 12.94
CA ILE B 52 11.76 3.90 13.30
C ILE B 52 11.56 5.47 13.25
N LEU B 53 12.43 6.23 13.95
CA LEU B 53 12.28 7.68 13.96
C LEU B 53 12.30 8.23 12.52
N LEU B 54 13.21 7.73 11.68
CA LEU B 54 13.32 8.27 10.34
C LEU B 54 12.20 7.84 9.43
N LEU B 55 11.52 6.77 9.75
CA LEU B 55 10.27 6.45 9.01
C LEU B 55 9.02 7.27 9.51
N SER B 56 9.16 7.92 10.68
CA SER B 56 8.01 8.50 11.46
C SER B 56 7.94 10.01 11.31
N VAL B 57 8.43 10.54 10.17
CA VAL B 57 8.35 12.00 9.94
C VAL B 57 6.90 12.56 10.13
N LYS B 58 5.88 11.82 9.67
CA LYS B 58 4.46 12.27 9.68
C LYS B 58 3.94 11.88 11.08
N ASP B 59 3.96 10.57 11.35
CA ASP B 59 3.45 10.03 12.59
C ASP B 59 3.99 8.57 12.72
N GLU B 60 3.44 7.81 13.65
CA GLU B 60 3.97 6.43 13.96
C GLU B 60 3.47 5.35 12.94
N ASN B 61 2.59 5.72 11.98
CA ASN B 61 1.99 4.73 11.12
C ASN B 61 2.87 4.01 10.08
N ALA B 62 3.78 4.74 9.44
CA ALA B 62 4.66 4.22 8.39
C ALA B 62 5.56 3.12 8.96
N ALA B 63 5.93 3.29 10.21
CA ALA B 63 6.90 2.38 10.84
C ALA B 63 6.25 1.17 11.56
N GLU B 64 4.99 0.90 11.24
CA GLU B 64 4.22 -0.14 11.92
C GLU B 64 4.99 -1.44 12.10
N SER B 65 5.51 -1.96 10.99
CA SER B 65 6.26 -3.25 10.95
C SER B 65 7.54 -3.18 11.80
N GLN B 66 8.30 -2.09 11.75
CA GLN B 66 9.55 -2.02 12.55
C GLN B 66 9.25 -1.84 14.03
N ILE B 67 8.17 -1.13 14.34
CA ILE B 67 7.68 -1.04 15.72
C ILE B 67 7.29 -2.33 16.34
N SER B 68 6.54 -3.15 15.60
CA SER B 68 6.17 -4.41 16.05
C SER B 68 7.44 -5.31 16.24
N GLU B 69 8.40 -5.23 15.31
CA GLU B 69 9.61 -6.02 15.42
C GLU B 69 10.44 -5.64 16.66
N LEU B 70 10.57 -4.33 16.88
CA LEU B 70 11.34 -3.86 18.01
C LEU B 70 10.68 -4.24 19.31
N ALA B 71 9.35 -4.16 19.36
CA ALA B 71 8.70 -4.48 20.63
C ALA B 71 8.83 -5.98 20.90
N LEU B 72 8.66 -6.81 19.88
CA LEU B 72 8.81 -8.22 20.05
C LEU B 72 10.23 -8.59 20.51
N ARG B 73 11.18 -8.01 19.84
CA ARG B 73 12.58 -8.18 20.24
C ARG B 73 12.92 -7.82 21.63
N ALA B 74 12.46 -6.67 22.08
CA ALA B 74 12.54 -6.36 23.48
C ALA B 74 11.99 -7.40 24.45
N VAL B 75 10.75 -7.86 24.19
CA VAL B 75 10.19 -8.92 24.97
C VAL B 75 11.06 -10.19 24.93
N GLN B 76 11.43 -10.60 23.73
CA GLN B 76 12.20 -11.87 23.56
C GLN B 76 13.61 -11.89 24.23
N ILE B 77 14.26 -10.78 24.25
CA ILE B 77 15.59 -10.71 24.79
C ILE B 77 15.60 -10.40 26.30
N GLY B 78 14.42 -10.13 26.91
CA GLY B 78 14.34 -9.96 28.36
C GLY B 78 14.38 -8.55 28.83
N LEU B 79 14.14 -7.58 27.97
CA LEU B 79 13.92 -6.22 28.45
C LEU B 79 12.47 -6.01 28.97
N SER B 80 12.36 -5.59 30.22
CA SER B 80 11.04 -5.23 30.81
C SER B 80 10.48 -4.00 30.17
N MSE B 81 9.17 -3.84 30.32
CA MSE B 81 8.54 -2.61 29.92
C MSE B 81 9.13 -1.45 30.71
O MSE B 81 9.36 -0.40 30.16
CB MSE B 81 6.99 -2.77 30.11
CG MSE B 81 6.27 -1.43 30.15
SE MSE B 81 6.13 -0.79 28.27
CE MSE B 81 6.72 0.40 28.58
N LYS B 82 9.39 -1.66 32.00
CA LYS B 82 10.01 -0.67 32.85
C LYS B 82 11.36 -0.16 32.25
N PHE B 83 12.16 -1.14 31.84
CA PHE B 83 13.48 -0.84 31.25
C PHE B 83 13.30 -0.07 29.91
N LEU B 84 12.49 -0.58 29.04
CA LEU B 84 12.25 0.06 27.74
C LEU B 84 11.69 1.46 27.85
N ALA B 85 10.68 1.64 28.68
CA ALA B 85 10.08 2.96 28.84
C ALA B 85 11.11 3.93 29.46
N THR B 86 11.84 3.45 30.41
CA THR B 86 12.89 4.27 31.06
C THR B 86 13.92 4.72 30.00
N ALA B 87 14.34 3.76 29.20
CA ALA B 87 15.28 4.05 28.12
C ALA B 87 14.79 5.03 27.15
N LEU B 88 13.58 4.80 26.62
CA LEU B 88 12.99 5.75 25.66
C LEU B 88 12.80 7.17 26.21
N ALA B 89 12.39 7.30 27.47
CA ALA B 89 12.36 8.62 28.14
C ALA B 89 13.74 9.27 28.20
N GLU B 90 14.75 8.47 28.50
CA GLU B 90 16.10 9.02 28.51
C GLU B 90 16.63 9.39 27.14
N PHE B 91 16.22 8.65 26.12
CA PHE B 91 16.65 8.96 24.77
C PHE B 91 16.29 10.37 24.37
N TRP B 92 15.06 10.79 24.59
CA TRP B 92 14.63 12.09 24.02
C TRP B 92 15.27 13.18 24.83
N LYS B 93 15.48 12.91 26.14
CA LYS B 93 16.12 13.91 27.04
C LYS B 93 17.58 14.14 26.67
N ARG B 94 18.29 13.09 26.30
CA ARG B 94 19.67 13.24 25.82
C ARG B 94 19.71 13.94 24.42
N LEU B 95 18.72 13.66 23.57
CA LEU B 95 18.62 14.41 22.35
C LEU B 95 18.45 15.88 22.66
N TYR B 96 17.57 16.20 23.63
CA TYR B 96 17.35 17.57 23.99
C TYR B 96 18.66 18.32 24.31
N THR B 97 19.52 17.70 25.08
CA THR B 97 20.77 18.30 25.54
C THR B 97 21.62 18.64 24.34
N LYS B 98 21.77 17.67 23.42
CA LYS B 98 22.37 17.90 22.10
C LYS B 98 21.76 19.04 21.30
N MSE B 99 20.43 19.05 21.14
CA MSE B 99 19.83 20.09 20.29
C MSE B 99 19.79 21.44 20.98
O MSE B 99 19.96 22.48 20.34
CB MSE B 99 18.44 19.75 19.83
CG MSE B 99 18.39 18.51 19.04
SE MSE B 99 16.54 18.20 18.53
CE MSE B 99 16.08 19.72 17.32
N ASN B 100 19.58 21.45 22.29
CA ASN B 100 19.60 22.73 23.05
C ASN B 100 20.90 23.55 23.03
N ASP B 101 21.96 22.91 22.56
CA ASP B 101 23.33 23.33 22.74
C ASP B 101 23.88 24.03 21.47
N GLU B 108 13.99 29.42 21.90
CA GLU B 108 13.65 28.94 23.28
C GLU B 108 13.68 27.43 23.53
N SER B 109 14.21 27.14 24.72
CA SER B 109 14.41 25.83 25.24
C SER B 109 13.14 25.07 25.42
N THR B 110 12.18 25.75 26.00
CA THR B 110 10.86 25.24 26.18
C THR B 110 10.17 24.82 24.85
N GLU B 111 10.24 25.65 23.82
CA GLU B 111 9.64 25.26 22.56
C GLU B 111 10.29 24.04 21.95
N LEU B 112 11.60 23.95 22.06
CA LEU B 112 12.35 22.73 21.65
C LEU B 112 11.86 21.47 22.35
N ILE B 113 11.65 21.52 23.67
CA ILE B 113 11.07 20.42 24.42
C ILE B 113 9.73 19.96 23.87
N TRP B 114 8.85 20.94 23.60
CA TRP B 114 7.58 20.62 23.00
C TRP B 114 7.66 20.09 21.56
N GLN B 115 8.64 20.53 20.78
CA GLN B 115 8.90 19.97 19.48
C GLN B 115 9.31 18.55 19.57
N ILE B 116 10.22 18.29 20.49
CA ILE B 116 10.74 16.92 20.66
C ILE B 116 9.56 16.01 21.08
N ASP B 117 8.77 16.53 22.00
CA ASP B 117 7.64 15.76 22.59
C ASP B 117 6.63 15.40 21.50
N ARG B 118 6.31 16.34 20.64
CA ARG B 118 5.37 16.09 19.57
C ARG B 118 5.86 15.03 18.57
N PHE B 119 7.14 15.01 18.25
CA PHE B 119 7.68 13.98 17.40
C PHE B 119 7.73 12.62 18.05
N PHE B 120 8.24 12.55 19.30
CA PHE B 120 8.48 11.24 19.90
C PHE B 120 7.29 10.57 20.55
N SER B 121 6.39 11.38 21.17
CA SER B 121 5.35 10.85 22.06
C SER B 121 4.51 9.74 21.42
N PRO B 122 3.98 9.98 20.22
CA PRO B 122 3.19 8.95 19.59
C PRO B 122 3.97 7.71 19.13
N ILE B 123 5.26 7.92 18.82
CA ILE B 123 6.10 6.80 18.46
C ILE B 123 6.29 5.88 19.68
N ASN B 124 6.71 6.48 20.80
CA ASN B 124 6.94 5.75 21.99
C ASN B 124 5.69 5.10 22.54
N THR B 125 4.57 5.80 22.51
CA THR B 125 3.37 5.19 23.05
C THR B 125 2.99 3.98 22.15
N GLU B 126 3.27 4.05 20.83
CA GLU B 126 2.93 2.90 19.98
C GLU B 126 3.89 1.74 20.24
N ILE B 127 5.18 2.04 20.50
CA ILE B 127 6.06 1.00 20.91
C ILE B 127 5.60 0.34 22.21
N PHE B 128 5.16 1.12 23.19
CA PHE B 128 4.67 0.56 24.42
C PHE B 128 3.46 -0.31 24.20
N ASN B 129 2.56 0.15 23.37
CA ASN B 129 1.37 -0.60 23.05
C ASN B 129 1.75 -1.99 22.45
N GLN B 130 2.69 -2.00 21.53
CA GLN B 130 2.97 -3.21 20.82
C GLN B 130 3.73 -4.14 21.75
N TYR B 131 4.50 -3.58 22.73
CA TYR B 131 5.19 -4.44 23.72
C TYR B 131 4.12 -5.19 24.54
N SER B 132 3.09 -4.50 24.99
CA SER B 132 2.09 -5.11 25.85
C SER B 132 1.28 -6.12 25.05
N ILE B 133 0.94 -5.73 23.80
CA ILE B 133 0.24 -6.60 22.80
C ILE B 133 1.06 -7.87 22.58
N SER B 134 2.39 -7.81 22.56
CA SER B 134 3.22 -8.98 22.32
C SER B 134 3.29 -9.92 23.54
N TRP B 135 2.29 -9.73 24.49
CA TRP B 135 1.91 -10.65 25.61
C TRP B 135 0.41 -10.86 25.57
N GLU B 136 -0.34 -9.78 25.46
CA GLU B 136 -1.77 -9.83 25.26
C GLU B 136 -2.19 -10.76 24.07
N SER C 3 1.30 -2.40 -25.46
CA SER C 3 1.49 -3.50 -24.38
C SER C 3 2.80 -3.34 -23.52
N ASN C 4 2.59 -3.30 -22.22
CA ASN C 4 3.66 -3.21 -21.24
C ASN C 4 4.08 -4.55 -20.65
N GLN C 5 3.72 -5.66 -21.32
CA GLN C 5 3.93 -7.01 -20.82
C GLN C 5 5.36 -7.34 -20.58
N THR C 6 6.26 -7.11 -21.55
CA THR C 6 7.66 -7.56 -21.35
C THR C 6 8.26 -6.85 -20.09
N VAL C 7 8.08 -5.54 -19.97
CA VAL C 7 8.54 -4.83 -18.76
C VAL C 7 7.77 -5.24 -17.49
N TYR C 8 6.45 -5.28 -17.54
CA TYR C 8 5.68 -5.54 -16.36
C TYR C 8 6.11 -6.91 -15.77
N GLN C 9 6.15 -7.96 -16.63
CA GLN C 9 6.51 -9.34 -16.19
C GLN C 9 7.91 -9.41 -15.63
N PHE C 10 8.85 -8.66 -16.23
CA PHE C 10 10.18 -8.54 -15.63
C PHE C 10 10.20 -7.99 -14.21
N ILE C 11 9.47 -6.88 -13.99
CA ILE C 11 9.30 -6.39 -12.64
C ILE C 11 8.72 -7.39 -11.71
N ALA C 12 7.59 -8.00 -12.10
CA ALA C 12 6.91 -8.97 -11.28
C ALA C 12 7.77 -10.11 -10.87
N GLU C 13 8.63 -10.56 -11.78
CA GLU C 13 9.45 -11.75 -11.60
C GLU C 13 10.77 -11.43 -10.97
N ASN C 14 11.15 -10.17 -10.78
CA ASN C 14 12.47 -9.77 -10.26
C ASN C 14 12.38 -8.74 -9.15
N GLN C 15 11.34 -8.86 -8.34
CA GLN C 15 10.94 -7.88 -7.31
C GLN C 15 12.04 -7.77 -6.27
N ASN C 16 12.62 -8.90 -5.85
CA ASN C 16 13.65 -8.86 -4.74
C ASN C 16 14.91 -8.27 -5.27
N GLU C 17 15.28 -8.62 -6.47
CA GLU C 17 16.51 -8.08 -7.04
C GLU C 17 16.39 -6.61 -7.35
N LEU C 18 15.23 -6.23 -7.90
CA LEU C 18 15.03 -4.79 -8.15
C LEU C 18 15.00 -3.97 -6.83
N LEU C 19 14.33 -4.45 -5.79
CA LEU C 19 14.35 -3.77 -4.50
C LEU C 19 15.79 -3.49 -4.06
N GLN C 20 16.64 -4.50 -4.17
CA GLN C 20 18.02 -4.33 -3.78
C GLN C 20 18.72 -3.28 -4.67
N LEU C 21 18.57 -3.43 -5.98
CA LEU C 21 19.18 -2.52 -6.97
C LEU C 21 18.84 -1.11 -6.69
N TRP C 22 17.54 -0.83 -6.54
CA TRP C 22 17.04 0.53 -6.35
C TRP C 22 17.37 1.13 -4.95
N THR C 23 17.37 0.28 -3.93
CA THR C 23 17.79 0.69 -2.64
C THR C 23 19.28 1.11 -2.73
N ASP C 24 20.10 0.30 -3.37
CA ASP C 24 21.56 0.62 -3.51
C ASP C 24 21.77 1.88 -4.33
N THR C 25 20.97 2.04 -5.36
CA THR C 25 20.91 3.28 -6.14
C THR C 25 20.62 4.52 -5.30
N LEU C 26 19.60 4.52 -4.47
CA LEU C 26 19.31 5.63 -3.61
C LEU C 26 20.47 5.86 -2.63
N LYS C 27 21.04 4.80 -2.08
CA LYS C 27 22.20 4.95 -1.17
C LYS C 27 23.35 5.65 -1.86
N GLU C 28 23.65 5.23 -3.08
CA GLU C 28 24.69 5.80 -3.88
C GLU C 28 24.51 7.25 -4.13
N LEU C 29 23.29 7.63 -4.53
CA LEU C 29 23.01 9.04 -4.81
C LEU C 29 23.02 9.84 -3.51
N SER C 30 22.60 9.20 -2.42
CA SER C 30 22.52 9.93 -1.19
C SER C 30 23.95 10.32 -0.74
N GLU C 31 24.94 9.52 -1.13
CA GLU C 31 26.36 9.79 -0.76
C GLU C 31 26.81 11.16 -1.35
N GLN C 32 26.17 11.64 -2.42
CA GLN C 32 26.55 12.97 -2.91
C GLN C 32 25.72 14.02 -2.22
N GLU C 33 24.87 13.69 -1.27
CA GLU C 33 24.11 14.74 -0.58
C GLU C 33 24.81 15.07 0.74
N SER C 34 24.33 16.08 1.45
CA SER C 34 25.08 16.48 2.67
C SER C 34 24.85 15.50 3.82
N TYR C 35 23.70 14.78 3.82
CA TYR C 35 23.45 13.69 4.77
C TYR C 35 22.69 12.52 4.10
N GLN C 36 22.77 11.35 4.71
CA GLN C 36 22.26 10.12 4.14
C GLN C 36 21.27 9.56 5.15
N LEU C 37 20.04 9.22 4.73
CA LEU C 37 19.14 8.51 5.59
C LEU C 37 19.60 7.01 5.69
N THR C 38 18.81 6.22 6.35
CA THR C 38 19.32 4.88 6.71
C THR C 38 18.78 3.99 5.60
N ASP C 39 19.35 2.81 5.45
CA ASP C 39 18.93 1.90 4.43
C ASP C 39 17.47 1.51 4.50
N GLN C 40 16.91 1.33 5.70
CA GLN C 40 15.52 1.04 5.77
C GLN C 40 14.59 2.11 5.15
N VAL C 41 14.94 3.38 5.30
CA VAL C 41 14.15 4.46 4.66
C VAL C 41 14.13 4.34 3.15
N TYR C 42 15.33 4.09 2.61
CA TYR C 42 15.51 3.93 1.15
C TYR C 42 14.88 2.69 0.65
N GLU C 43 15.01 1.61 1.41
CA GLU C 43 14.32 0.38 1.08
C GLU C 43 12.82 0.54 1.02
N ASN C 44 12.26 1.21 2.04
CA ASN C 44 10.85 1.53 1.98
C ASN C 44 10.39 2.30 0.72
N ILE C 45 11.15 3.29 0.32
CA ILE C 45 10.84 4.07 -0.84
C ILE C 45 10.83 3.13 -2.10
N SER C 46 11.87 2.28 -2.19
CA SER C 46 12.00 1.36 -3.32
C SER C 46 10.75 0.47 -3.38
N LYS C 47 10.35 -0.06 -2.23
CA LYS C 47 9.23 -0.97 -2.12
C LYS C 47 7.95 -0.31 -2.54
N GLU C 48 7.71 0.89 -2.03
CA GLU C 48 6.57 1.69 -2.39
C GLU C 48 6.55 1.95 -3.86
N TYR C 49 7.71 2.29 -4.45
CA TYR C 49 7.83 2.49 -5.92
C TYR C 49 7.47 1.21 -6.67
N ILE C 50 7.97 0.07 -6.25
CA ILE C 50 7.64 -1.19 -6.83
C ILE C 50 6.14 -1.43 -6.82
N ASP C 51 5.50 -1.10 -5.73
CA ASP C 51 4.06 -1.31 -5.64
C ASP C 51 3.35 -0.43 -6.68
N ILE C 52 3.84 0.77 -6.83
CA ILE C 52 3.33 1.67 -7.85
C ILE C 52 3.48 1.02 -9.22
N LEU C 53 4.66 0.51 -9.56
CA LEU C 53 4.87 -0.13 -10.85
C LEU C 53 3.86 -1.29 -11.10
N LEU C 54 3.63 -2.11 -10.11
CA LEU C 54 2.79 -3.29 -10.24
C LEU C 54 1.36 -2.96 -10.35
N LEU C 55 1.00 -1.76 -9.98
CA LEU C 55 -0.34 -1.25 -10.25
C LEU C 55 -0.51 -0.57 -11.60
N SER C 56 0.61 -0.34 -12.32
CA SER C 56 0.60 0.61 -13.45
C SER C 56 0.80 -0.15 -14.81
N VAL C 57 0.34 -1.41 -14.85
CA VAL C 57 0.48 -2.24 -16.10
C VAL C 57 -0.11 -1.52 -17.36
N LYS C 58 -1.21 -0.78 -17.17
CA LYS C 58 -1.89 -0.02 -18.21
C LYS C 58 -1.31 1.35 -18.34
N ASP C 59 -1.33 2.07 -17.25
CA ASP C 59 -0.83 3.47 -17.20
C ASP C 59 -0.72 3.90 -15.70
N GLU C 60 -0.47 5.17 -15.47
CA GLU C 60 -0.29 5.76 -14.13
C GLU C 60 -1.56 6.05 -13.32
N ASN C 61 -2.76 5.82 -13.90
CA ASN C 61 -3.96 6.21 -13.19
C ASN C 61 -4.38 5.27 -11.99
N ALA C 62 -4.27 3.94 -12.14
CA ALA C 62 -4.66 3.10 -11.06
C ALA C 62 -3.90 3.40 -9.71
N ALA C 63 -2.61 3.72 -9.83
CA ALA C 63 -1.74 3.95 -8.69
C ALA C 63 -1.83 5.35 -8.17
N GLU C 64 -2.91 6.08 -8.46
CA GLU C 64 -3.05 7.47 -7.98
C GLU C 64 -2.73 7.77 -6.54
N SER C 65 -3.36 7.02 -5.63
CA SER C 65 -3.21 7.24 -4.21
C SER C 65 -1.84 6.90 -3.71
N GLN C 66 -1.24 5.86 -4.27
CA GLN C 66 0.15 5.52 -3.95
C GLN C 66 1.12 6.58 -4.39
N ILE C 67 0.88 7.12 -5.55
CA ILE C 67 1.76 8.10 -6.18
C ILE C 67 1.77 9.35 -5.33
N SER C 68 0.56 9.75 -4.90
CA SER C 68 0.40 10.90 -4.06
C SER C 68 1.17 10.70 -2.70
N GLU C 69 0.99 9.54 -2.10
CA GLU C 69 1.66 9.17 -0.86
C GLU C 69 3.20 9.14 -0.93
N LEU C 70 3.72 8.62 -2.02
CA LEU C 70 5.19 8.55 -2.21
C LEU C 70 5.75 9.96 -2.39
N ALA C 71 5.09 10.75 -3.24
CA ALA C 71 5.57 12.15 -3.50
C ALA C 71 5.58 12.95 -2.22
N LEU C 72 4.53 12.84 -1.42
CA LEU C 72 4.47 13.56 -0.13
C LEU C 72 5.53 13.07 0.79
N ARG C 73 5.75 11.78 0.81
CA ARG C 73 6.80 11.24 1.67
C ARG C 73 8.14 11.82 1.28
N ALA C 74 8.44 11.83 0.00
CA ALA C 74 9.69 12.42 -0.49
C ALA C 74 9.97 13.81 -0.02
N VAL C 75 8.94 14.66 -0.11
CA VAL C 75 8.97 16.02 0.39
C VAL C 75 9.22 16.07 1.91
N GLN C 76 8.46 15.28 2.68
CA GLN C 76 8.59 15.35 4.15
C GLN C 76 9.96 14.87 4.68
N ILE C 77 10.52 13.85 4.05
CA ILE C 77 11.82 13.34 4.46
C ILE C 77 13.02 14.15 3.99
N GLY C 78 12.77 15.10 3.09
CA GLY C 78 13.76 16.02 2.65
C GLY C 78 14.44 15.66 1.32
N LEU C 79 13.83 14.82 0.49
CA LEU C 79 14.33 14.59 -0.84
C LEU C 79 13.91 15.78 -1.69
N SER C 80 14.88 16.39 -2.34
CA SER C 80 14.61 17.40 -3.40
C SER C 80 13.98 16.81 -4.64
N MSE C 81 13.38 17.68 -5.48
CA MSE C 81 12.85 17.26 -6.76
C MSE C 81 14.07 16.80 -7.56
O MSE C 81 14.01 15.85 -8.32
CB MSE C 81 12.09 18.43 -7.43
CG MSE C 81 11.92 18.22 -8.83
SE MSE C 81 10.44 16.80 -9.12
CE MSE C 81 11.19 16.05 -9.80
N LYS C 82 15.18 17.52 -7.44
CA LYS C 82 16.36 17.12 -8.21
C LYS C 82 16.86 15.70 -7.88
N PHE C 83 16.90 15.41 -6.58
CA PHE C 83 17.32 14.09 -6.12
C PHE C 83 16.33 13.03 -6.59
N LEU C 84 15.06 13.27 -6.34
CA LEU C 84 13.98 12.34 -6.76
C LEU C 84 14.01 12.00 -8.27
N ALA C 85 14.04 13.05 -9.09
CA ALA C 85 14.08 12.86 -10.52
C ALA C 85 15.37 12.19 -11.01
N THR C 86 16.49 12.55 -10.42
CA THR C 86 17.75 11.84 -10.72
C THR C 86 17.63 10.41 -10.35
N ALA C 87 17.12 10.12 -9.16
CA ALA C 87 16.93 8.72 -8.79
C ALA C 87 16.03 7.85 -9.69
N LEU C 88 14.84 8.37 -10.03
CA LEU C 88 13.90 7.67 -10.91
C LEU C 88 14.49 7.51 -12.29
N ALA C 89 15.28 8.48 -12.79
CA ALA C 89 15.99 8.24 -14.04
C ALA C 89 16.96 7.06 -13.90
N GLU C 90 17.83 7.07 -12.90
CA GLU C 90 18.73 5.91 -12.73
C GLU C 90 18.04 4.58 -12.51
N PHE C 91 16.88 4.60 -11.84
CA PHE C 91 16.07 3.40 -11.63
C PHE C 91 15.85 2.70 -12.95
N TRP C 92 15.23 3.37 -13.91
CA TRP C 92 14.91 2.70 -15.16
C TRP C 92 16.15 2.42 -15.97
N LYS C 93 17.20 3.24 -15.88
CA LYS C 93 18.41 2.90 -16.59
C LYS C 93 19.16 1.67 -16.04
N ARG C 94 19.15 1.51 -14.73
CA ARG C 94 19.65 0.29 -14.08
C ARG C 94 18.80 -0.96 -14.34
N LEU C 95 17.50 -0.78 -14.48
CA LEU C 95 16.67 -1.87 -14.93
C LEU C 95 17.07 -2.30 -16.36
N TYR C 96 17.28 -1.31 -17.23
CA TYR C 96 17.62 -1.60 -18.59
C TYR C 96 18.84 -2.53 -18.66
N THR C 97 19.91 -2.18 -17.94
CA THR C 97 21.07 -3.02 -17.87
C THR C 97 20.75 -4.42 -17.46
N LYS C 98 19.93 -4.55 -16.42
CA LYS C 98 19.47 -5.89 -15.99
C LYS C 98 18.73 -6.62 -17.06
N MSE C 99 17.75 -5.96 -17.70
CA MSE C 99 16.96 -6.65 -18.73
C MSE C 99 17.79 -6.87 -20.02
O MSE C 99 17.65 -7.88 -20.74
CB MSE C 99 15.73 -5.92 -19.07
CG MSE C 99 14.75 -5.88 -17.90
SE MSE C 99 13.10 -4.89 -18.53
CE MSE C 99 12.43 -6.41 -19.67
N ASN C 100 18.62 -5.90 -20.35
CA ASN C 100 19.42 -5.98 -21.53
C ASN C 100 20.44 -7.15 -21.47
N ASP C 101 21.08 -7.37 -20.33
CA ASP C 101 21.97 -8.50 -20.11
C ASP C 101 21.30 -9.91 -20.19
N LYS C 102 19.98 -9.96 -20.06
CA LYS C 102 19.22 -11.17 -20.06
C LYS C 102 18.40 -11.21 -21.30
N ARG C 103 18.59 -10.32 -22.26
CA ARG C 103 17.66 -10.31 -23.36
C ARG C 103 17.91 -11.52 -24.30
N LEU C 104 16.83 -11.93 -24.94
CA LEU C 104 16.81 -13.05 -25.81
C LEU C 104 17.30 -12.74 -27.19
N PRO C 105 17.76 -13.80 -27.92
CA PRO C 105 18.35 -13.64 -29.19
C PRO C 105 17.60 -12.76 -30.16
N ASP C 106 16.27 -12.67 -30.08
CA ASP C 106 15.48 -11.91 -31.10
C ASP C 106 15.26 -10.39 -30.72
N GLN C 107 15.28 -10.14 -29.39
CA GLN C 107 15.12 -8.82 -28.72
C GLN C 107 16.29 -7.82 -29.02
N GLU C 108 15.95 -6.65 -29.59
CA GLU C 108 16.90 -5.55 -29.77
C GLU C 108 16.92 -4.57 -28.58
N SER C 109 18.11 -4.14 -28.19
CA SER C 109 18.33 -3.20 -27.09
C SER C 109 17.50 -1.91 -27.25
N THR C 110 17.43 -1.42 -28.47
CA THR C 110 16.73 -0.18 -28.72
C THR C 110 15.20 -0.35 -28.44
N GLU C 111 14.64 -1.45 -28.93
CA GLU C 111 13.25 -1.81 -28.69
C GLU C 111 12.98 -1.89 -27.15
N LEU C 112 13.92 -2.51 -26.43
CA LEU C 112 13.83 -2.62 -24.98
C LEU C 112 13.82 -1.28 -24.27
N ILE C 113 14.70 -0.35 -24.70
CA ILE C 113 14.73 0.96 -24.17
C ILE C 113 13.36 1.66 -24.35
N TRP C 114 12.79 1.57 -25.55
CA TRP C 114 11.47 2.17 -25.80
C TRP C 114 10.34 1.49 -25.01
N GLN C 115 10.48 0.21 -24.75
CA GLN C 115 9.47 -0.52 -23.96
C GLN C 115 9.53 0.01 -22.49
N ILE C 116 10.77 0.23 -22.00
CA ILE C 116 10.95 0.69 -20.66
C ILE C 116 10.35 2.10 -20.54
N ASP C 117 10.73 2.95 -21.51
CA ASP C 117 10.26 4.32 -21.52
C ASP C 117 8.75 4.38 -21.45
N ARG C 118 8.12 3.60 -22.29
CA ARG C 118 6.68 3.64 -22.40
C ARG C 118 5.97 3.26 -21.10
N PHE C 119 6.50 2.28 -20.40
CA PHE C 119 5.98 1.94 -19.11
C PHE C 119 6.26 3.03 -17.99
N PHE C 120 7.51 3.48 -17.88
CA PHE C 120 7.91 4.27 -16.79
C PHE C 120 7.58 5.77 -16.96
N SER C 121 7.72 6.33 -18.17
CA SER C 121 7.74 7.76 -18.25
C SER C 121 6.45 8.42 -17.65
N PRO C 122 5.24 7.91 -17.95
CA PRO C 122 3.98 8.51 -17.40
C PRO C 122 3.78 8.34 -15.87
N ILE C 123 4.39 7.25 -15.32
CA ILE C 123 4.43 7.08 -13.90
C ILE C 123 5.29 8.13 -13.26
N ASN C 124 6.53 8.24 -13.75
CA ASN C 124 7.43 9.18 -13.23
C ASN C 124 6.98 10.64 -13.34
N THR C 125 6.44 11.00 -14.50
CA THR C 125 5.91 12.33 -14.63
C THR C 125 4.80 12.64 -13.63
N GLU C 126 3.94 11.69 -13.38
CA GLU C 126 2.88 11.85 -12.40
C GLU C 126 3.46 11.95 -10.99
N ILE C 127 4.53 11.17 -10.63
CA ILE C 127 5.20 11.42 -9.37
C ILE C 127 5.76 12.84 -9.19
N PHE C 128 6.42 13.33 -10.25
CA PHE C 128 6.87 14.73 -10.34
C PHE C 128 5.77 15.73 -10.10
N ASN C 129 4.69 15.56 -10.83
CA ASN C 129 3.56 16.43 -10.67
C ASN C 129 3.06 16.44 -9.25
N GLN C 130 2.97 15.27 -8.62
CA GLN C 130 2.46 15.22 -7.26
C GLN C 130 3.44 15.78 -6.22
N TYR C 131 4.73 15.65 -6.46
CA TYR C 131 5.78 16.26 -5.64
C TYR C 131 5.57 17.81 -5.60
N SER C 132 5.44 18.46 -6.75
CA SER C 132 5.38 19.89 -6.87
C SER C 132 4.09 20.32 -6.21
N ILE C 133 3.04 19.52 -6.40
CA ILE C 133 1.69 19.85 -5.95
C ILE C 133 1.67 19.79 -4.53
N SER C 134 2.41 18.87 -3.92
CA SER C 134 2.59 18.96 -2.48
C SER C 134 2.93 20.39 -2.03
N TRP C 135 3.81 21.14 -2.71
CA TRP C 135 4.13 22.52 -2.24
C TRP C 135 3.12 23.55 -2.70
N GLU C 136 2.74 23.44 -3.96
CA GLU C 136 1.72 24.30 -4.55
C GLU C 136 0.42 24.26 -3.71
N SER D 3 32.11 13.57 -22.96
CA SER D 3 31.65 14.65 -23.97
C SER D 3 30.16 14.68 -24.56
N ASN D 4 29.52 15.85 -24.51
CA ASN D 4 28.21 16.07 -25.18
C ASN D 4 28.27 16.74 -26.56
N GLN D 5 29.47 16.80 -27.08
CA GLN D 5 29.78 17.40 -28.39
C GLN D 5 28.91 16.98 -29.56
N THR D 6 28.73 15.68 -29.72
CA THR D 6 27.89 15.21 -30.83
C THR D 6 26.45 15.66 -30.83
N VAL D 7 25.83 15.50 -29.67
CA VAL D 7 24.42 15.90 -29.54
C VAL D 7 24.36 17.38 -29.59
N TYR D 8 25.30 18.03 -28.90
CA TYR D 8 25.33 19.50 -28.90
C TYR D 8 25.41 19.99 -30.31
N GLN D 9 26.32 19.43 -31.11
CA GLN D 9 26.50 19.97 -32.39
C GLN D 9 25.30 19.70 -33.36
N PHE D 10 24.66 18.57 -33.26
CA PHE D 10 23.39 18.39 -33.93
C PHE D 10 22.35 19.49 -33.59
N ILE D 11 22.10 19.80 -32.31
CA ILE D 11 21.21 20.81 -31.88
C ILE D 11 21.62 22.14 -32.52
N ALA D 12 22.91 22.49 -32.41
CA ALA D 12 23.40 23.75 -32.96
C ALA D 12 23.16 23.88 -34.42
N GLU D 13 23.40 22.78 -35.12
CA GLU D 13 23.26 22.73 -36.56
C GLU D 13 21.81 22.64 -37.08
N ASN D 14 20.86 22.34 -36.20
CA ASN D 14 19.48 22.18 -36.62
C ASN D 14 18.48 22.96 -35.79
N GLN D 15 18.88 24.17 -35.33
CA GLN D 15 18.08 24.95 -34.43
C GLN D 15 16.65 25.28 -34.92
N ASN D 16 16.58 25.75 -36.15
CA ASN D 16 15.27 26.14 -36.70
C ASN D 16 14.33 24.94 -36.80
N GLU D 17 14.84 23.82 -37.22
CA GLU D 17 14.03 22.59 -37.30
C GLU D 17 13.53 22.10 -35.97
N LEU D 18 14.43 22.09 -34.98
CA LEU D 18 14.08 21.69 -33.68
C LEU D 18 13.09 22.61 -33.04
N LEU D 19 13.22 23.90 -33.22
CA LEU D 19 12.30 24.84 -32.65
C LEU D 19 10.88 24.54 -33.17
N GLN D 20 10.76 24.30 -34.44
CA GLN D 20 9.41 23.99 -35.01
C GLN D 20 8.85 22.70 -34.50
N LEU D 21 9.71 21.70 -34.44
CA LEU D 21 9.31 20.46 -33.90
C LEU D 21 8.82 20.51 -32.47
N TRP D 22 9.60 21.21 -31.64
CA TRP D 22 9.26 21.40 -30.26
C TRP D 22 8.00 22.28 -30.05
N THR D 23 7.87 23.29 -30.86
CA THR D 23 6.77 24.22 -30.77
C THR D 23 5.51 23.39 -31.17
N ASP D 24 5.61 22.55 -32.18
CA ASP D 24 4.52 21.59 -32.53
C ASP D 24 4.17 20.59 -31.46
N THR D 25 5.17 20.09 -30.74
CA THR D 25 4.90 19.24 -29.61
C THR D 25 4.12 19.94 -28.52
N LEU D 26 4.56 21.14 -28.14
CA LEU D 26 3.79 21.92 -27.15
C LEU D 26 2.35 22.23 -27.60
N LYS D 27 2.17 22.60 -28.87
CA LYS D 27 0.83 22.83 -29.38
C LYS D 27 -0.03 21.61 -29.31
N GLU D 28 0.55 20.47 -29.69
CA GLU D 28 -0.17 19.25 -29.68
C GLU D 28 -0.62 18.91 -28.26
N LEU D 29 0.28 19.03 -27.35
CA LEU D 29 -0.04 18.77 -25.94
C LEU D 29 -1.04 19.74 -25.38
N SER D 30 -1.00 21.01 -25.83
CA SER D 30 -1.88 22.02 -25.30
C SER D 30 -3.34 21.73 -25.66
N GLU D 31 -3.55 21.10 -26.82
CA GLU D 31 -4.92 20.75 -27.25
C GLU D 31 -5.57 19.80 -26.29
N GLN D 32 -4.80 19.08 -25.49
CA GLN D 32 -5.44 18.23 -24.47
C GLN D 32 -5.85 19.00 -23.24
N GLU D 33 -5.40 20.23 -23.10
CA GLU D 33 -5.66 21.03 -21.92
C GLU D 33 -6.94 21.91 -22.08
N SER D 34 -7.34 22.56 -20.95
CA SER D 34 -8.60 23.39 -20.83
C SER D 34 -8.67 24.58 -21.82
N TYR D 35 -7.47 25.14 -22.04
CA TYR D 35 -7.21 26.19 -23.03
C TYR D 35 -5.80 26.09 -23.62
N GLN D 36 -5.65 26.85 -24.68
CA GLN D 36 -4.37 26.92 -25.32
C GLN D 36 -3.85 28.37 -25.28
N LEU D 37 -2.57 28.51 -25.03
CA LEU D 37 -1.90 29.78 -25.21
C LEU D 37 -1.72 30.04 -26.71
N THR D 38 -1.04 31.11 -27.07
CA THR D 38 -0.84 31.43 -28.49
C THR D 38 0.34 30.70 -29.06
N ASP D 39 0.40 30.61 -30.38
CA ASP D 39 1.59 29.98 -31.00
C ASP D 39 2.86 30.65 -30.58
N GLN D 40 2.84 32.00 -30.48
CA GLN D 40 4.06 32.72 -30.11
C GLN D 40 4.55 32.38 -28.69
N VAL D 41 3.64 32.14 -27.75
CA VAL D 41 4.05 31.78 -26.44
C VAL D 41 4.84 30.41 -26.46
N TYR D 42 4.31 29.45 -27.22
CA TYR D 42 4.88 28.12 -27.30
C TYR D 42 6.20 28.22 -28.05
N GLU D 43 6.25 29.01 -29.09
CA GLU D 43 7.53 29.20 -29.78
C GLU D 43 8.62 29.81 -28.89
N ASN D 44 8.23 30.78 -28.07
CA ASN D 44 9.13 31.40 -27.17
C ASN D 44 9.67 30.43 -26.07
N ILE D 45 8.85 29.53 -25.59
CA ILE D 45 9.23 28.46 -24.70
C ILE D 45 10.27 27.57 -25.30
N SER D 46 10.00 27.17 -26.51
CA SER D 46 10.92 26.34 -27.26
C SER D 46 12.22 27.00 -27.43
N LYS D 47 12.20 28.26 -27.81
CA LYS D 47 13.43 29.03 -27.99
C LYS D 47 14.18 29.25 -26.68
N GLU D 48 13.47 29.54 -25.56
CA GLU D 48 14.08 29.75 -24.29
C GLU D 48 14.77 28.39 -23.89
N TYR D 49 14.13 27.27 -24.21
CA TYR D 49 14.70 25.95 -23.92
C TYR D 49 15.94 25.63 -24.72
N ILE D 50 15.94 25.88 -26.03
CA ILE D 50 17.13 25.69 -26.86
C ILE D 50 18.32 26.57 -26.40
N ASP D 51 18.02 27.78 -25.98
CA ASP D 51 19.01 28.68 -25.45
C ASP D 51 19.68 28.12 -24.20
N ILE D 52 18.88 27.50 -23.37
CA ILE D 52 19.45 26.68 -22.26
C ILE D 52 20.39 25.54 -22.75
N LEU D 53 19.92 24.73 -23.71
CA LEU D 53 20.70 23.66 -24.27
C LEU D 53 22.05 24.15 -24.74
N LEU D 54 21.99 25.26 -25.47
CA LEU D 54 23.24 25.80 -26.08
C LEU D 54 24.29 26.33 -25.07
N LEU D 55 23.85 26.59 -23.82
CA LEU D 55 24.75 26.85 -22.70
C LEU D 55 25.27 25.65 -21.93
N SER D 56 24.70 24.47 -22.21
CA SER D 56 24.81 23.26 -21.36
C SER D 56 25.70 22.15 -21.95
N VAL D 57 26.71 22.56 -22.72
CA VAL D 57 27.53 21.50 -23.33
C VAL D 57 28.25 20.68 -22.25
N LYS D 58 28.59 21.33 -21.14
CA LYS D 58 29.26 20.58 -20.06
C LYS D 58 28.27 19.87 -19.20
N ASP D 59 27.40 20.66 -18.62
CA ASP D 59 26.40 20.20 -17.73
C ASP D 59 25.34 21.38 -17.57
N GLU D 60 24.45 21.23 -16.58
CA GLU D 60 23.34 22.18 -16.31
C GLU D 60 23.76 23.43 -15.53
N ASN D 61 25.08 23.56 -15.14
CA ASN D 61 25.46 24.66 -14.26
C ASN D 61 25.53 26.02 -14.94
N ALA D 62 26.04 26.13 -16.12
CA ALA D 62 26.19 27.47 -16.78
C ALA D 62 24.84 28.12 -17.01
N ALA D 63 23.80 27.32 -17.29
CA ALA D 63 22.50 27.83 -17.59
C ALA D 63 21.60 28.02 -16.34
N GLU D 64 22.22 28.14 -15.21
CA GLU D 64 21.56 28.26 -13.90
C GLU D 64 20.38 29.28 -13.93
N SER D 65 20.67 30.51 -14.36
CA SER D 65 19.71 31.59 -14.25
C SER D 65 18.63 31.41 -15.33
N GLN D 66 19.05 31.03 -16.53
CA GLN D 66 18.16 30.70 -17.62
C GLN D 66 17.17 29.60 -17.24
N ILE D 67 17.66 28.54 -16.57
CA ILE D 67 16.83 27.48 -16.10
C ILE D 67 15.78 28.00 -15.13
N SER D 68 16.21 28.76 -14.13
CA SER D 68 15.33 29.29 -13.16
C SER D 68 14.23 30.19 -13.76
N GLU D 69 14.60 30.99 -14.76
CA GLU D 69 13.66 31.82 -15.49
C GLU D 69 12.67 31.08 -16.32
N LEU D 70 13.12 30.01 -16.99
CA LEU D 70 12.18 29.18 -17.71
C LEU D 70 11.19 28.48 -16.78
N ALA D 71 11.67 27.89 -15.70
CA ALA D 71 10.80 27.19 -14.81
C ALA D 71 9.73 28.14 -14.23
N LEU D 72 10.14 29.37 -13.86
CA LEU D 72 9.24 30.38 -13.26
C LEU D 72 8.18 30.81 -14.25
N ARG D 73 8.61 30.99 -15.50
CA ARG D 73 7.66 31.31 -16.56
C ARG D 73 6.68 30.16 -16.81
N ALA D 74 7.13 28.90 -16.81
CA ALA D 74 6.22 27.80 -16.89
C ALA D 74 5.15 27.75 -15.82
N VAL D 75 5.54 28.04 -14.60
CA VAL D 75 4.63 28.16 -13.48
C VAL D 75 3.64 29.27 -13.72
N GLN D 76 4.15 30.40 -14.12
CA GLN D 76 3.34 31.57 -14.15
C GLN D 76 2.28 31.55 -15.29
N ILE D 77 2.62 30.92 -16.41
CA ILE D 77 1.73 30.84 -17.56
C ILE D 77 0.75 29.67 -17.41
N GLY D 78 0.89 28.90 -16.32
CA GLY D 78 -0.04 27.83 -15.98
C GLY D 78 0.31 26.47 -16.57
N LEU D 79 1.56 26.22 -16.94
CA LEU D 79 1.91 24.87 -17.34
C LEU D 79 2.04 24.06 -16.06
N SER D 80 1.33 22.97 -15.93
CA SER D 80 1.61 21.96 -14.83
C SER D 80 2.96 21.33 -14.95
N MSE D 81 3.46 20.76 -13.85
CA MSE D 81 4.66 19.94 -13.91
C MSE D 81 4.41 18.75 -14.83
O MSE D 81 5.29 18.40 -15.56
CB MSE D 81 5.09 19.56 -12.46
CG MSE D 81 6.00 18.48 -12.40
SE MSE D 81 7.86 19.10 -12.88
CE MSE D 81 7.76 20.82 -13.81
N LYS D 82 3.28 18.11 -14.72
CA LYS D 82 2.93 17.01 -15.56
C LYS D 82 3.13 17.42 -17.06
N PHE D 83 2.50 18.53 -17.45
CA PHE D 83 2.63 19.06 -18.81
C PHE D 83 4.07 19.31 -19.24
N LEU D 84 4.81 20.03 -18.42
CA LEU D 84 6.18 20.34 -18.71
C LEU D 84 7.03 19.12 -18.81
N ALA D 85 6.92 18.18 -17.87
CA ALA D 85 7.74 16.93 -17.91
C ALA D 85 7.39 16.07 -19.09
N THR D 86 6.08 16.01 -19.42
CA THR D 86 5.62 15.31 -20.62
C THR D 86 6.25 15.94 -21.84
N ALA D 87 6.22 17.30 -21.86
CA ALA D 87 6.79 18.00 -23.01
C ALA D 87 8.27 17.78 -23.22
N LEU D 88 9.02 17.89 -22.14
CA LEU D 88 10.43 17.77 -22.26
C LEU D 88 10.86 16.30 -22.62
N ALA D 89 10.16 15.31 -22.12
CA ALA D 89 10.37 13.92 -22.54
C ALA D 89 10.14 13.80 -24.05
N GLU D 90 9.04 14.36 -24.57
CA GLU D 90 8.82 14.27 -26.04
C GLU D 90 9.81 15.09 -26.84
N PHE D 91 10.31 16.18 -26.30
CA PHE D 91 11.31 16.98 -27.05
C PHE D 91 12.56 16.10 -27.41
N TRP D 92 13.08 15.31 -26.45
CA TRP D 92 14.32 14.57 -26.70
C TRP D 92 14.03 13.36 -27.56
N LYS D 93 12.81 12.83 -27.47
CA LYS D 93 12.38 11.66 -28.29
C LYS D 93 12.23 12.06 -29.79
N ARG D 94 11.69 13.26 -30.06
CA ARG D 94 11.63 13.76 -31.40
C ARG D 94 13.00 14.11 -31.94
N LEU D 95 13.92 14.62 -31.09
CA LEU D 95 15.30 14.79 -31.48
C LEU D 95 15.96 13.45 -31.93
N TYR D 96 15.72 12.41 -31.15
CA TYR D 96 16.20 11.09 -31.50
C TYR D 96 15.76 10.66 -32.89
N THR D 97 14.49 10.77 -33.21
CA THR D 97 13.95 10.43 -34.50
C THR D 97 14.70 11.14 -35.64
N LYS D 98 15.03 12.41 -35.45
CA LYS D 98 15.79 13.16 -36.44
C LYS D 98 17.17 12.72 -36.51
N MSE D 99 17.83 12.58 -35.38
CA MSE D 99 19.22 12.18 -35.38
C MSE D 99 19.41 10.75 -35.81
O MSE D 99 20.47 10.39 -36.41
CB MSE D 99 19.84 12.33 -34.03
CG MSE D 99 19.86 13.73 -33.48
SE MSE D 99 21.07 13.89 -31.96
CE MSE D 99 22.75 13.49 -32.64
N ASN D 100 18.43 9.91 -35.50
CA ASN D 100 18.55 8.48 -35.79
C ASN D 100 18.39 8.29 -37.26
N ASP D 101 17.44 9.02 -37.84
CA ASP D 101 17.05 8.90 -39.24
C ASP D 101 18.12 9.50 -40.19
N LYS D 102 18.98 10.36 -39.65
CA LYS D 102 20.38 10.43 -40.07
C LYS D 102 21.10 9.31 -39.26
N GLU D 108 25.15 3.02 -34.08
CA GLU D 108 24.16 2.35 -33.19
C GLU D 108 23.19 3.30 -32.50
N SER D 109 21.91 3.05 -32.78
CA SER D 109 20.77 3.73 -32.11
C SER D 109 20.84 3.75 -30.62
N THR D 110 21.18 2.62 -29.97
CA THR D 110 21.32 2.55 -28.50
C THR D 110 22.36 3.54 -28.00
N GLU D 111 23.51 3.57 -28.66
CA GLU D 111 24.52 4.54 -28.30
C GLU D 111 24.01 5.99 -28.35
N LEU D 112 23.30 6.30 -29.43
CA LEU D 112 22.70 7.61 -29.65
C LEU D 112 21.73 7.95 -28.53
N ILE D 113 20.86 7.02 -28.21
CA ILE D 113 19.94 7.19 -27.10
C ILE D 113 20.64 7.61 -25.82
N TRP D 114 21.69 6.91 -25.43
CA TRP D 114 22.44 7.24 -24.19
C TRP D 114 23.25 8.53 -24.33
N GLN D 115 23.75 8.85 -25.52
CA GLN D 115 24.22 10.24 -25.79
C GLN D 115 23.18 11.36 -25.53
N ILE D 116 22.00 11.21 -26.08
CA ILE D 116 20.94 12.11 -25.86
C ILE D 116 20.60 12.19 -24.33
N ASP D 117 20.51 11.01 -23.69
CA ASP D 117 20.11 10.99 -22.31
C ASP D 117 21.16 11.76 -21.49
N ARG D 118 22.45 11.43 -21.73
CA ARG D 118 23.54 12.08 -20.97
C ARG D 118 23.50 13.66 -21.02
N PHE D 119 23.15 14.24 -22.16
CA PHE D 119 23.07 15.64 -22.34
C PHE D 119 21.83 16.24 -21.73
N PHE D 120 20.68 15.65 -21.99
CA PHE D 120 19.36 16.23 -21.53
C PHE D 120 18.99 16.00 -20.11
N SER D 121 19.31 14.85 -19.58
CA SER D 121 18.71 14.43 -18.32
C SER D 121 19.06 15.43 -17.17
N PRO D 122 20.38 15.82 -16.99
CA PRO D 122 20.64 16.78 -15.91
C PRO D 122 20.03 18.17 -16.10
N ILE D 123 19.89 18.59 -17.37
CA ILE D 123 19.19 19.86 -17.73
C ILE D 123 17.76 19.79 -17.31
N ASN D 124 17.11 18.71 -17.74
CA ASN D 124 15.67 18.60 -17.47
C ASN D 124 15.41 18.40 -15.99
N THR D 125 16.20 17.58 -15.28
CA THR D 125 15.96 17.39 -13.84
C THR D 125 16.18 18.73 -13.01
N GLU D 126 17.04 19.59 -13.57
CA GLU D 126 17.27 20.94 -12.95
C GLU D 126 16.07 21.86 -13.21
N ILE D 127 15.53 21.80 -14.38
CA ILE D 127 14.30 22.49 -14.68
C ILE D 127 13.22 22.01 -13.72
N PHE D 128 13.02 20.71 -13.62
CA PHE D 128 12.03 20.24 -12.72
C PHE D 128 12.24 20.79 -11.29
N ASN D 129 13.48 20.72 -10.78
CA ASN D 129 13.78 21.20 -9.47
C ASN D 129 13.38 22.67 -9.31
N GLN D 130 13.73 23.47 -10.29
CA GLN D 130 13.43 24.99 -10.30
C GLN D 130 11.95 25.25 -10.36
N TYR D 131 11.23 24.39 -11.04
CA TYR D 131 9.79 24.48 -11.07
C TYR D 131 9.15 24.33 -9.68
N SER D 132 9.52 23.25 -8.98
CA SER D 132 8.95 22.88 -7.75
C SER D 132 9.45 23.89 -6.76
N ILE D 133 10.71 24.25 -6.87
CA ILE D 133 11.29 25.28 -5.90
C ILE D 133 10.60 26.63 -5.98
N SER D 134 10.14 26.98 -7.16
CA SER D 134 9.39 28.19 -7.24
C SER D 134 8.29 28.10 -6.08
N TRP D 135 7.69 26.92 -5.85
CA TRP D 135 6.51 26.76 -4.98
C TRP D 135 7.00 26.62 -3.56
N GLU D 136 7.99 25.76 -3.40
CA GLU D 136 8.76 25.65 -2.18
C GLU D 136 9.77 26.82 -2.25
N SER E 3 -35.40 -9.70 -4.69
CA SER E 3 -34.40 -8.69 -4.26
C SER E 3 -33.05 -9.23 -3.71
N ASN E 4 -32.01 -8.45 -3.98
CA ASN E 4 -30.67 -8.69 -3.42
C ASN E 4 -30.37 -7.81 -2.19
N GLN E 5 -31.44 -7.20 -1.62
CA GLN E 5 -31.27 -6.19 -0.61
C GLN E 5 -30.56 -6.76 0.61
N THR E 6 -30.90 -8.00 1.01
CA THR E 6 -30.26 -8.57 2.26
C THR E 6 -28.72 -8.77 2.14
N VAL E 7 -28.29 -9.44 1.11
CA VAL E 7 -26.87 -9.64 0.90
C VAL E 7 -26.17 -8.30 0.60
N TYR E 8 -26.81 -7.47 -0.22
CA TYR E 8 -26.26 -6.21 -0.57
C TYR E 8 -26.02 -5.44 0.72
N GLN E 9 -27.00 -5.41 1.63
CA GLN E 9 -26.80 -4.60 2.79
C GLN E 9 -25.72 -5.15 3.76
N PHE E 10 -25.58 -6.44 3.86
CA PHE E 10 -24.48 -7.00 4.58
C PHE E 10 -23.11 -6.59 3.99
N ILE E 11 -22.99 -6.62 2.65
CA ILE E 11 -21.77 -6.19 2.02
C ILE E 11 -21.50 -4.75 2.34
N ALA E 12 -22.53 -3.91 2.16
CA ALA E 12 -22.39 -2.45 2.38
C ALA E 12 -22.00 -2.15 3.81
N GLU E 13 -22.51 -2.94 4.75
CA GLU E 13 -22.24 -2.72 6.17
C GLU E 13 -20.92 -3.27 6.66
N ASN E 14 -20.22 -4.06 5.84
CA ASN E 14 -19.02 -4.82 6.24
C ASN E 14 -17.91 -4.68 5.26
N GLN E 15 -17.81 -3.52 4.62
CA GLN E 15 -16.90 -3.36 3.47
C GLN E 15 -15.41 -3.57 3.91
N ASN E 16 -15.01 -3.03 5.04
CA ASN E 16 -13.62 -3.14 5.40
C ASN E 16 -13.22 -4.58 5.76
N GLU E 17 -14.10 -5.26 6.48
CA GLU E 17 -13.90 -6.64 6.85
C GLU E 17 -13.86 -7.59 5.65
N LEU E 18 -14.73 -7.34 4.67
CA LEU E 18 -14.69 -8.10 3.45
C LEU E 18 -13.51 -7.84 2.60
N LEU E 19 -13.01 -6.61 2.53
CA LEU E 19 -11.80 -6.29 1.84
C LEU E 19 -10.60 -7.07 2.38
N GLN E 20 -10.46 -7.04 3.70
CA GLN E 20 -9.43 -7.83 4.41
C GLN E 20 -9.55 -9.32 4.12
N LEU E 21 -10.74 -9.89 4.24
CA LEU E 21 -10.95 -11.29 3.97
C LEU E 21 -10.63 -11.69 2.53
N TRP E 22 -11.06 -10.89 1.58
CA TRP E 22 -10.84 -11.20 0.21
C TRP E 22 -9.40 -11.00 -0.25
N THR E 23 -8.76 -9.95 0.26
CA THR E 23 -7.37 -9.79 0.08
C THR E 23 -6.57 -11.01 0.57
N ASP E 24 -6.93 -11.52 1.75
CA ASP E 24 -6.19 -12.63 2.34
C ASP E 24 -6.45 -13.89 1.57
N THR E 25 -7.66 -14.00 1.04
CA THR E 25 -8.01 -15.09 0.10
C THR E 25 -7.13 -15.15 -1.19
N LEU E 26 -7.02 -14.02 -1.84
CA LEU E 26 -6.13 -13.83 -2.99
C LEU E 26 -4.70 -14.17 -2.66
N LYS E 27 -4.23 -13.68 -1.50
CA LYS E 27 -2.85 -13.97 -1.09
C LYS E 27 -2.64 -15.44 -0.90
N GLU E 28 -3.62 -16.08 -0.24
CA GLU E 28 -3.49 -17.50 0.07
C GLU E 28 -3.47 -18.30 -1.20
N LEU E 29 -4.34 -17.95 -2.17
CA LEU E 29 -4.36 -18.62 -3.43
C LEU E 29 -3.13 -18.41 -4.25
N SER E 30 -2.59 -17.21 -4.21
CA SER E 30 -1.35 -16.86 -4.93
C SER E 30 -0.11 -17.64 -4.44
N GLU E 31 -0.14 -18.14 -3.23
CA GLU E 31 0.89 -19.04 -2.73
C GLU E 31 1.04 -20.29 -3.56
N GLN E 32 -0.03 -20.68 -4.25
CA GLN E 32 0.06 -21.84 -5.16
C GLN E 32 0.46 -21.43 -6.57
N GLU E 33 0.75 -20.16 -6.77
CA GLU E 33 1.11 -19.71 -8.11
C GLU E 33 2.58 -19.44 -8.16
N SER E 34 3.05 -19.25 -9.41
CA SER E 34 4.51 -19.24 -9.78
C SER E 34 5.23 -18.10 -9.16
N TYR E 35 4.54 -16.95 -9.21
CA TYR E 35 5.04 -15.84 -8.41
C TYR E 35 3.78 -15.05 -7.88
N GLN E 36 4.07 -14.21 -6.91
CA GLN E 36 3.11 -13.42 -6.11
C GLN E 36 3.48 -11.92 -6.45
N LEU E 37 2.44 -11.28 -6.91
CA LEU E 37 2.33 -9.89 -6.85
C LEU E 37 2.30 -9.51 -5.38
N THR E 38 2.33 -8.26 -5.13
CA THR E 38 2.37 -7.73 -3.78
C THR E 38 0.97 -7.49 -3.14
N ASP E 39 0.94 -7.19 -1.86
CA ASP E 39 -0.29 -7.16 -1.16
C ASP E 39 -1.19 -6.08 -1.65
N GLN E 40 -0.60 -4.93 -2.06
CA GLN E 40 -1.38 -3.83 -2.55
C GLN E 40 -2.12 -4.12 -3.79
N VAL E 41 -1.48 -4.93 -4.65
CA VAL E 41 -2.07 -5.39 -5.84
C VAL E 41 -3.38 -6.18 -5.53
N TYR E 42 -3.29 -7.13 -4.60
CA TYR E 42 -4.47 -7.94 -4.24
C TYR E 42 -5.51 -7.12 -3.49
N GLU E 43 -5.09 -6.13 -2.69
CA GLU E 43 -6.05 -5.29 -1.95
C GLU E 43 -6.86 -4.44 -2.96
N ASN E 44 -6.19 -3.91 -3.97
CA ASN E 44 -6.85 -3.16 -5.05
C ASN E 44 -7.81 -3.98 -5.81
N ILE E 45 -7.39 -5.20 -6.16
CA ILE E 45 -8.31 -6.15 -6.79
C ILE E 45 -9.62 -6.34 -5.94
N SER E 46 -9.43 -6.65 -4.67
CA SER E 46 -10.55 -6.84 -3.71
C SER E 46 -11.49 -5.64 -3.65
N LYS E 47 -10.92 -4.44 -3.60
CA LYS E 47 -11.70 -3.17 -3.55
C LYS E 47 -12.47 -2.92 -4.82
N GLU E 48 -11.80 -3.21 -5.94
CA GLU E 48 -12.44 -3.06 -7.24
C GLU E 48 -13.61 -4.01 -7.35
N TYR E 49 -13.44 -5.23 -6.88
CA TYR E 49 -14.54 -6.19 -6.84
C TYR E 49 -15.72 -5.76 -5.93
N ILE E 50 -15.44 -5.27 -4.77
CA ILE E 50 -16.46 -4.80 -3.88
C ILE E 50 -17.18 -3.60 -4.50
N ASP E 51 -16.45 -2.72 -5.16
CA ASP E 51 -17.10 -1.59 -5.82
C ASP E 51 -18.12 -2.07 -6.90
N ILE E 52 -17.72 -3.09 -7.65
CA ILE E 52 -18.63 -3.76 -8.59
C ILE E 52 -19.86 -4.28 -7.89
N LEU E 53 -19.68 -4.99 -6.77
CA LEU E 53 -20.79 -5.51 -6.00
C LEU E 53 -21.76 -4.37 -5.63
N LEU E 54 -21.20 -3.25 -5.17
CA LEU E 54 -22.04 -2.15 -4.71
C LEU E 54 -22.84 -1.42 -5.83
N LEU E 55 -22.45 -1.61 -7.11
CA LEU E 55 -23.17 -1.12 -8.25
C LEU E 55 -24.26 -2.10 -8.70
N SER E 56 -24.27 -3.35 -8.15
CA SER E 56 -24.94 -4.49 -8.81
C SER E 56 -26.22 -5.01 -8.07
N VAL E 57 -26.89 -4.14 -7.30
CA VAL E 57 -28.03 -4.58 -6.52
C VAL E 57 -29.12 -5.17 -7.40
N LYS E 58 -29.28 -4.61 -8.61
CA LYS E 58 -30.34 -5.08 -9.55
C LYS E 58 -29.79 -6.32 -10.30
N ASP E 59 -28.66 -6.13 -10.94
CA ASP E 59 -28.03 -7.13 -11.78
C ASP E 59 -26.64 -6.59 -12.10
N GLU E 60 -25.99 -7.27 -13.05
CA GLU E 60 -24.62 -6.97 -13.52
C GLU E 60 -24.51 -5.88 -14.53
N ASN E 61 -25.65 -5.32 -14.96
CA ASN E 61 -25.55 -4.33 -16.04
C ASN E 61 -24.99 -2.97 -15.65
N ALA E 62 -25.32 -2.42 -14.47
CA ALA E 62 -24.79 -1.09 -14.08
C ALA E 62 -23.28 -1.02 -14.02
N ALA E 63 -22.68 -2.13 -13.60
CA ALA E 63 -21.27 -2.14 -13.51
C ALA E 63 -20.50 -2.60 -14.74
N GLU E 64 -21.06 -2.45 -15.91
CA GLU E 64 -20.49 -2.97 -17.15
C GLU E 64 -19.03 -2.56 -17.33
N SER E 65 -18.73 -1.29 -17.18
CA SER E 65 -17.41 -0.70 -17.45
C SER E 65 -16.41 -1.14 -16.37
N GLN E 66 -16.89 -1.23 -15.13
CA GLN E 66 -16.13 -1.67 -14.02
C GLN E 66 -15.75 -3.13 -14.15
N ILE E 67 -16.69 -3.91 -14.59
CA ILE E 67 -16.45 -5.33 -14.87
C ILE E 67 -15.37 -5.55 -15.93
N SER E 68 -15.54 -4.87 -17.03
CA SER E 68 -14.62 -4.91 -18.13
C SER E 68 -13.19 -4.44 -17.70
N GLU E 69 -13.09 -3.37 -16.90
CA GLU E 69 -11.79 -2.95 -16.30
C GLU E 69 -11.12 -3.97 -15.42
N LEU E 70 -11.86 -4.59 -14.47
CA LEU E 70 -11.29 -5.59 -13.63
C LEU E 70 -10.86 -6.77 -14.45
N ALA E 71 -11.72 -7.20 -15.38
CA ALA E 71 -11.31 -8.40 -16.16
C ALA E 71 -10.01 -8.14 -16.96
N LEU E 72 -9.94 -7.01 -17.63
CA LEU E 72 -8.70 -6.63 -18.35
C LEU E 72 -7.45 -6.58 -17.46
N ARG E 73 -7.63 -5.99 -16.29
CA ARG E 73 -6.57 -5.89 -15.34
C ARG E 73 -6.10 -7.28 -14.90
N ALA E 74 -7.03 -8.21 -14.63
CA ALA E 74 -6.64 -9.59 -14.35
C ALA E 74 -5.77 -10.23 -15.40
N VAL E 75 -6.21 -10.06 -16.65
CA VAL E 75 -5.45 -10.49 -17.77
C VAL E 75 -4.01 -9.91 -17.81
N GLN E 76 -3.93 -8.63 -17.68
CA GLN E 76 -2.73 -7.89 -17.89
C GLN E 76 -1.70 -8.17 -16.80
N ILE E 77 -2.19 -8.32 -15.58
CA ILE E 77 -1.25 -8.64 -14.46
C ILE E 77 -0.84 -10.12 -14.38
N GLY E 78 -1.48 -10.95 -15.19
CA GLY E 78 -1.17 -12.36 -15.38
C GLY E 78 -1.98 -13.35 -14.53
N LEU E 79 -3.13 -12.96 -14.00
CA LEU E 79 -4.05 -13.95 -13.43
C LEU E 79 -4.66 -14.85 -14.48
N SER E 80 -4.57 -16.15 -14.30
CA SER E 80 -5.29 -17.06 -15.20
C SER E 80 -6.82 -17.00 -14.95
N MSE E 81 -7.57 -17.39 -15.95
CA MSE E 81 -9.02 -17.58 -15.76
C MSE E 81 -9.29 -18.60 -14.65
O MSE E 81 -10.18 -18.39 -13.81
CB MSE E 81 -9.72 -18.03 -17.11
CG MSE E 81 -11.07 -18.52 -16.89
SE MSE E 81 -12.42 -17.19 -16.54
CE MSE E 81 -12.49 -16.61 -18.04
N LYS E 82 -8.57 -19.71 -14.66
CA LYS E 82 -8.65 -20.72 -13.63
C LYS E 82 -8.52 -20.08 -12.23
N PHE E 83 -7.46 -19.28 -12.09
CA PHE E 83 -7.23 -18.52 -10.82
C PHE E 83 -8.34 -17.55 -10.42
N LEU E 84 -8.71 -16.71 -11.31
CA LEU E 84 -9.83 -15.81 -11.11
C LEU E 84 -11.14 -16.48 -10.74
N ALA E 85 -11.51 -17.54 -11.44
CA ALA E 85 -12.72 -18.27 -11.13
C ALA E 85 -12.61 -18.96 -9.78
N THR E 86 -11.40 -19.48 -9.46
CA THR E 86 -11.24 -20.13 -8.19
C THR E 86 -11.43 -19.09 -7.12
N ALA E 87 -10.80 -17.93 -7.26
CA ALA E 87 -10.89 -16.90 -6.27
C ALA E 87 -12.32 -16.34 -6.06
N LEU E 88 -13.03 -16.05 -7.14
CA LEU E 88 -14.41 -15.55 -7.01
C LEU E 88 -15.32 -16.62 -6.34
N ALA E 89 -15.11 -17.91 -6.63
CA ALA E 89 -15.81 -18.96 -5.95
C ALA E 89 -15.53 -18.90 -4.42
N GLU E 90 -14.25 -18.85 -4.07
CA GLU E 90 -13.93 -18.71 -2.66
C GLU E 90 -14.46 -17.45 -2.01
N PHE E 91 -14.46 -16.31 -2.70
CA PHE E 91 -14.95 -15.06 -2.14
C PHE E 91 -16.36 -15.20 -1.57
N TRP E 92 -17.23 -15.86 -2.32
CA TRP E 92 -18.67 -15.82 -1.90
C TRP E 92 -18.82 -16.87 -0.84
N LYS E 93 -17.99 -17.90 -0.88
CA LYS E 93 -18.05 -18.92 0.19
C LYS E 93 -17.61 -18.41 1.53
N ARG E 94 -16.61 -17.55 1.55
CA ARG E 94 -16.11 -17.00 2.79
C ARG E 94 -17.05 -15.92 3.31
N LEU E 95 -17.83 -15.33 2.42
CA LEU E 95 -18.84 -14.40 2.81
C LEU E 95 -19.97 -15.20 3.49
N TYR E 96 -20.34 -16.32 2.88
CA TYR E 96 -21.29 -17.22 3.48
C TYR E 96 -20.95 -17.54 4.95
N THR E 97 -19.74 -18.01 5.17
CA THR E 97 -19.22 -18.23 6.52
C THR E 97 -19.43 -17.00 7.45
N LYS E 98 -19.02 -15.81 7.01
CA LYS E 98 -19.26 -14.63 7.81
C LYS E 98 -20.72 -14.41 8.09
N MSE E 99 -21.57 -14.48 7.08
CA MSE E 99 -22.98 -14.20 7.24
C MSE E 99 -23.74 -15.27 8.04
O MSE E 99 -24.74 -14.94 8.72
CB MSE E 99 -23.69 -14.04 5.91
CG MSE E 99 -23.22 -12.94 5.09
SE MSE E 99 -24.37 -12.49 3.57
CE MSE E 99 -26.13 -12.00 4.37
N ASN E 100 -23.31 -16.53 7.89
CA ASN E 100 -24.03 -17.66 8.44
C ASN E 100 -23.86 -17.68 9.93
N ASP E 101 -22.73 -17.11 10.35
CA ASP E 101 -22.31 -17.02 11.68
C ASP E 101 -22.89 -15.71 12.33
N LYS E 102 -23.93 -15.13 11.71
CA LYS E 102 -24.90 -14.21 12.36
C LYS E 102 -26.39 -14.38 11.94
N GLU E 108 -32.69 -20.31 7.40
CA GLU E 108 -31.94 -21.44 6.89
C GLU E 108 -30.65 -20.94 6.30
N SER E 109 -29.61 -21.68 6.57
CA SER E 109 -28.36 -21.54 5.86
C SER E 109 -28.55 -21.73 4.37
N THR E 110 -29.45 -22.65 4.01
CA THR E 110 -29.64 -23.00 2.63
C THR E 110 -30.21 -21.79 1.90
N GLU E 111 -31.24 -21.15 2.51
CA GLU E 111 -31.80 -19.93 1.90
C GLU E 111 -30.73 -18.85 1.71
N LEU E 112 -29.90 -18.68 2.72
CA LEU E 112 -28.76 -17.77 2.65
C LEU E 112 -27.81 -18.12 1.51
N ILE E 113 -27.50 -19.40 1.33
CA ILE E 113 -26.64 -19.80 0.16
C ILE E 113 -27.30 -19.35 -1.13
N TRP E 114 -28.59 -19.55 -1.29
CA TRP E 114 -29.21 -19.18 -2.56
C TRP E 114 -29.37 -17.65 -2.76
N GLN E 115 -29.52 -16.91 -1.71
CA GLN E 115 -29.51 -15.46 -1.75
C GLN E 115 -28.18 -14.96 -2.18
N ILE E 116 -27.10 -15.57 -1.65
CA ILE E 116 -25.79 -15.19 -2.00
C ILE E 116 -25.56 -15.49 -3.45
N ASP E 117 -25.92 -16.73 -3.86
CA ASP E 117 -25.74 -17.15 -5.23
C ASP E 117 -26.52 -16.28 -6.21
N ARG E 118 -27.75 -15.90 -5.84
CA ARG E 118 -28.53 -15.06 -6.72
C ARG E 118 -27.89 -13.67 -7.01
N PHE E 119 -27.20 -13.11 -6.02
CA PHE E 119 -26.49 -11.87 -6.14
C PHE E 119 -25.22 -12.00 -6.90
N PHE E 120 -24.41 -12.99 -6.54
CA PHE E 120 -23.06 -13.12 -7.10
C PHE E 120 -23.00 -13.75 -8.47
N SER E 121 -23.85 -14.73 -8.77
CA SER E 121 -23.62 -15.52 -9.96
C SER E 121 -23.63 -14.71 -11.26
N PRO E 122 -24.65 -13.86 -11.49
CA PRO E 122 -24.60 -13.03 -12.74
C PRO E 122 -23.43 -12.05 -12.82
N ILE E 123 -22.95 -11.55 -11.69
CA ILE E 123 -21.76 -10.70 -11.69
C ILE E 123 -20.57 -11.48 -12.12
N ASN E 124 -20.37 -12.62 -11.43
CA ASN E 124 -19.19 -13.44 -11.67
C ASN E 124 -19.13 -13.97 -13.10
N THR E 125 -20.25 -14.40 -13.62
CA THR E 125 -20.30 -14.91 -14.97
C THR E 125 -19.95 -13.80 -15.99
N GLU E 126 -20.30 -12.55 -15.68
CA GLU E 126 -20.00 -11.45 -16.56
C GLU E 126 -18.52 -11.11 -16.51
N ILE E 127 -17.96 -11.18 -15.32
CA ILE E 127 -16.52 -11.07 -15.18
C ILE E 127 -15.79 -12.11 -16.03
N PHE E 128 -16.20 -13.39 -15.92
CA PHE E 128 -15.66 -14.45 -16.72
C PHE E 128 -15.76 -14.12 -18.22
N ASN E 129 -16.92 -13.70 -18.63
CA ASN E 129 -17.16 -13.40 -20.07
C ASN E 129 -16.18 -12.32 -20.53
N GLN E 130 -16.02 -11.28 -19.71
CA GLN E 130 -15.16 -10.14 -20.10
C GLN E 130 -13.69 -10.54 -20.11
N TYR E 131 -13.29 -11.42 -19.22
CA TYR E 131 -12.00 -11.99 -19.26
C TYR E 131 -11.72 -12.66 -20.57
N SER E 132 -12.57 -13.60 -21.00
CA SER E 132 -12.41 -14.31 -22.22
C SER E 132 -12.46 -13.33 -23.38
N ILE E 133 -13.43 -12.43 -23.33
CA ILE E 133 -13.67 -11.44 -24.41
C ILE E 133 -12.49 -10.51 -24.58
N SER E 134 -11.70 -10.28 -23.54
CA SER E 134 -10.53 -9.44 -23.72
C SER E 134 -9.71 -10.05 -24.91
N TRP E 135 -9.58 -11.36 -24.88
CA TRP E 135 -8.61 -12.05 -25.77
C TRP E 135 -9.27 -12.28 -27.13
N GLU E 136 -10.54 -12.64 -27.01
CA GLU E 136 -11.35 -12.86 -28.15
C GLU E 136 -11.28 -11.58 -29.03
N SER F 3 -14.14 -36.77 -0.44
CA SER F 3 -14.82 -37.89 -1.22
C SER F 3 -16.07 -37.37 -1.90
N ASN F 4 -16.22 -37.84 -3.13
CA ASN F 4 -17.14 -37.31 -4.03
C ASN F 4 -18.13 -38.44 -4.35
N GLN F 5 -18.25 -39.44 -3.46
CA GLN F 5 -18.99 -40.63 -3.78
C GLN F 5 -20.45 -40.36 -3.85
N THR F 6 -20.97 -39.61 -2.88
CA THR F 6 -22.42 -39.35 -2.79
C THR F 6 -22.89 -38.70 -4.12
N VAL F 7 -22.12 -37.73 -4.61
CA VAL F 7 -22.51 -37.03 -5.84
C VAL F 7 -22.22 -37.83 -7.10
N TYR F 8 -21.02 -38.43 -7.16
CA TYR F 8 -20.68 -39.27 -8.26
C TYR F 8 -21.69 -40.38 -8.46
N GLN F 9 -22.07 -41.04 -7.36
CA GLN F 9 -22.97 -42.17 -7.53
C GLN F 9 -24.34 -41.72 -7.95
N PHE F 10 -24.77 -40.60 -7.40
CA PHE F 10 -26.01 -40.04 -7.90
C PHE F 10 -26.02 -39.76 -9.39
N ILE F 11 -24.98 -39.15 -9.91
CA ILE F 11 -24.89 -38.88 -11.37
C ILE F 11 -24.92 -40.18 -12.18
N ALA F 12 -24.16 -41.17 -11.69
CA ALA F 12 -24.07 -42.47 -12.34
C ALA F 12 -25.45 -43.17 -12.44
N GLU F 13 -26.23 -43.12 -11.36
CA GLU F 13 -27.49 -43.81 -11.26
C GLU F 13 -28.57 -43.01 -11.91
N ASN F 14 -28.33 -41.75 -12.21
CA ASN F 14 -29.41 -40.88 -12.79
C ASN F 14 -29.08 -40.18 -14.07
N GLN F 15 -28.25 -40.85 -14.88
CA GLN F 15 -27.73 -40.27 -16.11
C GLN F 15 -28.80 -39.87 -17.12
N ASN F 16 -29.71 -40.75 -17.35
CA ASN F 16 -30.72 -40.45 -18.31
C ASN F 16 -31.65 -39.29 -17.89
N GLU F 17 -32.12 -39.26 -16.66
CA GLU F 17 -32.80 -38.05 -16.13
C GLU F 17 -32.00 -36.73 -16.19
N LEU F 18 -30.72 -36.80 -15.77
CA LEU F 18 -29.86 -35.62 -15.85
C LEU F 18 -29.63 -35.12 -17.25
N LEU F 19 -29.48 -36.01 -18.21
CA LEU F 19 -29.23 -35.68 -19.58
C LEU F 19 -30.43 -34.85 -20.06
N GLN F 20 -31.66 -35.35 -19.79
CA GLN F 20 -32.84 -34.62 -20.13
C GLN F 20 -32.98 -33.29 -19.41
N LEU F 21 -32.79 -33.27 -18.11
CA LEU F 21 -32.84 -32.05 -17.40
C LEU F 21 -31.86 -31.01 -17.90
N TRP F 22 -30.61 -31.40 -18.11
CA TRP F 22 -29.59 -30.45 -18.57
C TRP F 22 -29.77 -30.01 -20.04
N THR F 23 -30.28 -30.89 -20.88
CA THR F 23 -30.54 -30.50 -22.22
C THR F 23 -31.72 -29.42 -22.18
N ASP F 24 -32.73 -29.62 -21.32
CA ASP F 24 -33.88 -28.73 -21.25
C ASP F 24 -33.42 -27.40 -20.72
N THR F 25 -32.47 -27.44 -19.77
CA THR F 25 -31.83 -26.21 -19.24
C THR F 25 -31.15 -25.37 -20.31
N LEU F 26 -30.30 -26.02 -21.13
CA LEU F 26 -29.61 -25.40 -22.27
C LEU F 26 -30.62 -24.78 -23.27
N LYS F 27 -31.68 -25.55 -23.55
CA LYS F 27 -32.72 -25.07 -24.41
C LYS F 27 -33.44 -23.83 -23.87
N GLU F 28 -33.85 -23.89 -22.59
CA GLU F 28 -34.46 -22.75 -21.95
C GLU F 28 -33.54 -21.53 -22.00
N LEU F 29 -32.27 -21.69 -21.65
CA LEU F 29 -31.36 -20.57 -21.71
C LEU F 29 -31.19 -20.02 -23.15
N SER F 30 -31.24 -20.91 -24.13
CA SER F 30 -30.99 -20.56 -25.52
C SER F 30 -32.11 -19.66 -26.03
N GLU F 31 -33.30 -19.76 -25.42
CA GLU F 31 -34.40 -18.86 -25.75
C GLU F 31 -34.10 -17.43 -25.49
N GLN F 32 -33.12 -17.08 -24.62
CA GLN F 32 -32.72 -15.65 -24.38
C GLN F 32 -31.56 -15.21 -25.31
N GLU F 33 -31.07 -16.13 -26.15
CA GLU F 33 -29.94 -15.84 -27.03
C GLU F 33 -30.45 -15.40 -28.40
N SER F 34 -29.55 -14.90 -29.25
CA SER F 34 -30.01 -14.37 -30.55
C SER F 34 -30.41 -15.52 -31.53
N TYR F 35 -29.85 -16.72 -31.36
CA TYR F 35 -30.41 -17.87 -32.01
C TYR F 35 -30.41 -19.06 -31.07
N GLN F 36 -31.09 -20.12 -31.51
CA GLN F 36 -31.15 -21.41 -30.82
C GLN F 36 -30.58 -22.45 -31.79
N LEU F 37 -29.68 -23.28 -31.26
CA LEU F 37 -29.18 -24.43 -31.98
C LEU F 37 -30.12 -25.53 -31.79
N THR F 38 -29.75 -26.72 -32.22
CA THR F 38 -30.74 -27.77 -32.39
C THR F 38 -30.80 -28.56 -31.11
N ASP F 39 -31.88 -29.29 -30.94
CA ASP F 39 -31.96 -30.28 -29.87
C ASP F 39 -30.76 -31.21 -29.75
N GLN F 40 -30.30 -31.77 -30.86
CA GLN F 40 -29.20 -32.69 -30.83
C GLN F 40 -27.94 -32.02 -30.42
N VAL F 41 -27.71 -30.79 -30.87
CA VAL F 41 -26.58 -29.99 -30.39
C VAL F 41 -26.54 -29.82 -28.89
N TYR F 42 -27.64 -29.39 -28.30
CA TYR F 42 -27.69 -29.26 -26.84
C TYR F 42 -27.57 -30.59 -26.13
N GLU F 43 -28.22 -31.61 -26.67
CA GLU F 43 -28.11 -32.92 -26.12
C GLU F 43 -26.65 -33.43 -26.04
N ASN F 44 -25.93 -33.20 -27.13
CA ASN F 44 -24.55 -33.59 -27.24
C ASN F 44 -23.67 -32.86 -26.26
N ILE F 45 -23.90 -31.57 -26.04
CA ILE F 45 -23.27 -30.84 -24.95
C ILE F 45 -23.54 -31.50 -23.57
N SER F 46 -24.81 -31.82 -23.25
CA SER F 46 -25.17 -32.44 -21.95
C SER F 46 -24.47 -33.75 -21.81
N LYS F 47 -24.50 -34.55 -22.87
CA LYS F 47 -23.89 -35.85 -22.88
C LYS F 47 -22.31 -35.81 -22.69
N GLU F 48 -21.66 -34.94 -23.43
CA GLU F 48 -20.24 -34.71 -23.23
C GLU F 48 -19.89 -34.20 -21.83
N TYR F 49 -20.75 -33.36 -21.25
CA TYR F 49 -20.54 -32.89 -19.94
C TYR F 49 -20.67 -34.00 -18.91
N ILE F 50 -21.71 -34.82 -19.07
CA ILE F 50 -21.81 -36.04 -18.23
C ILE F 50 -20.62 -36.92 -18.28
N ASP F 51 -20.05 -37.08 -19.44
CA ASP F 51 -18.83 -37.94 -19.55
C ASP F 51 -17.69 -37.34 -18.74
N ILE F 52 -17.56 -36.01 -18.85
CA ILE F 52 -16.57 -35.27 -18.06
C ILE F 52 -16.79 -35.54 -16.58
N LEU F 53 -18.03 -35.41 -16.10
CA LEU F 53 -18.34 -35.70 -14.70
C LEU F 53 -17.90 -37.12 -14.29
N LEU F 54 -18.20 -38.14 -15.12
CA LEU F 54 -17.99 -39.54 -14.77
C LEU F 54 -16.49 -39.87 -14.93
N LEU F 55 -15.75 -38.98 -15.54
CA LEU F 55 -14.33 -39.10 -15.54
C LEU F 55 -13.63 -38.34 -14.33
N SER F 56 -14.41 -37.53 -13.60
CA SER F 56 -13.81 -36.58 -12.59
C SER F 56 -14.18 -36.92 -11.10
N VAL F 57 -14.32 -38.19 -10.81
CA VAL F 57 -14.50 -38.62 -9.38
C VAL F 57 -13.43 -38.09 -8.43
N LYS F 58 -12.21 -37.99 -8.91
CA LYS F 58 -11.10 -37.54 -8.10
C LYS F 58 -11.02 -36.01 -8.20
N ASP F 59 -10.84 -35.53 -9.44
CA ASP F 59 -10.69 -34.11 -9.73
C ASP F 59 -10.80 -33.91 -11.24
N GLU F 60 -10.50 -32.72 -11.69
CA GLU F 60 -10.70 -32.29 -13.13
C GLU F 60 -9.57 -32.80 -14.11
N ASN F 61 -8.55 -33.52 -13.61
CA ASN F 61 -7.37 -33.89 -14.46
C ASN F 61 -7.58 -35.05 -15.48
N ALA F 62 -8.25 -36.08 -15.07
CA ALA F 62 -8.40 -37.21 -15.98
C ALA F 62 -9.23 -36.85 -17.25
N ALA F 63 -10.15 -35.92 -17.11
CA ALA F 63 -11.02 -35.49 -18.25
C ALA F 63 -10.46 -34.39 -19.08
N GLU F 64 -9.15 -34.25 -19.03
CA GLU F 64 -8.49 -33.16 -19.72
C GLU F 64 -8.86 -33.00 -21.19
N SER F 65 -8.73 -34.08 -21.94
CA SER F 65 -9.06 -34.07 -23.41
C SER F 65 -10.56 -33.77 -23.69
N GLN F 66 -11.47 -34.29 -22.88
CA GLN F 66 -12.88 -34.06 -23.08
C GLN F 66 -13.20 -32.56 -22.80
N ILE F 67 -12.59 -32.01 -21.78
CA ILE F 67 -12.83 -30.64 -21.32
C ILE F 67 -12.38 -29.73 -22.42
N SER F 68 -11.20 -30.01 -22.96
CA SER F 68 -10.66 -29.24 -24.07
C SER F 68 -11.55 -29.26 -25.30
N GLU F 69 -12.04 -30.43 -25.67
CA GLU F 69 -12.89 -30.58 -26.84
C GLU F 69 -14.26 -29.88 -26.62
N LEU F 70 -14.80 -30.01 -25.42
CA LEU F 70 -16.10 -29.29 -25.13
C LEU F 70 -15.96 -27.80 -25.15
N ALA F 71 -14.88 -27.30 -24.51
CA ALA F 71 -14.64 -25.91 -24.57
C ALA F 71 -14.50 -25.35 -25.97
N LEU F 72 -13.69 -25.96 -26.77
CA LEU F 72 -13.44 -25.49 -28.11
C LEU F 72 -14.73 -25.58 -28.97
N ARG F 73 -15.48 -26.67 -28.82
CA ARG F 73 -16.78 -26.70 -29.59
C ARG F 73 -17.76 -25.62 -29.17
N ALA F 74 -17.81 -25.30 -27.86
CA ALA F 74 -18.60 -24.15 -27.39
C ALA F 74 -18.27 -22.82 -28.04
N VAL F 75 -16.96 -22.48 -28.11
CA VAL F 75 -16.49 -21.27 -28.82
C VAL F 75 -16.95 -21.35 -30.27
N GLN F 76 -16.73 -22.50 -30.93
CA GLN F 76 -16.88 -22.53 -32.36
C GLN F 76 -18.39 -22.43 -32.80
N ILE F 77 -19.28 -22.97 -31.96
CA ILE F 77 -20.73 -22.96 -32.23
C ILE F 77 -21.38 -21.65 -31.81
N GLY F 78 -20.56 -20.78 -31.24
CA GLY F 78 -20.98 -19.44 -30.93
C GLY F 78 -21.54 -19.31 -29.47
N LEU F 79 -21.38 -20.28 -28.56
CA LEU F 79 -21.85 -20.07 -27.16
C LEU F 79 -20.83 -19.07 -26.48
N SER F 80 -21.30 -17.98 -25.92
CA SER F 80 -20.43 -17.08 -25.10
C SER F 80 -19.99 -17.77 -23.83
N MSE F 81 -18.94 -17.22 -23.21
CA MSE F 81 -18.54 -17.64 -21.89
C MSE F 81 -19.62 -17.34 -20.95
O MSE F 81 -19.97 -18.12 -20.07
CB MSE F 81 -17.24 -16.86 -21.53
CG MSE F 81 -16.87 -16.95 -20.10
SE MSE F 81 -15.93 -18.73 -19.72
CE MSE F 81 -17.01 -18.88 -19.08
N LYS F 82 -20.26 -16.22 -21.13
CA LYS F 82 -21.38 -15.89 -20.26
C LYS F 82 -22.47 -17.06 -20.30
N PHE F 83 -22.87 -17.47 -21.52
CA PHE F 83 -23.92 -18.46 -21.69
C PHE F 83 -23.43 -19.78 -21.04
N LEU F 84 -22.20 -20.14 -21.34
CA LEU F 84 -21.63 -21.34 -20.79
C LEU F 84 -21.58 -21.41 -19.25
N ALA F 85 -21.02 -20.36 -18.66
CA ALA F 85 -20.95 -20.21 -17.23
C ALA F 85 -22.37 -20.17 -16.61
N THR F 86 -23.32 -19.48 -17.25
CA THR F 86 -24.67 -19.51 -16.71
C THR F 86 -25.23 -20.94 -16.71
N ALA F 87 -25.07 -21.64 -17.85
CA ALA F 87 -25.59 -22.97 -18.00
C ALA F 87 -24.97 -23.91 -16.98
N LEU F 88 -23.64 -23.88 -16.86
CA LEU F 88 -23.00 -24.77 -15.87
C LEU F 88 -23.50 -24.46 -14.42
N ALA F 89 -23.66 -23.20 -14.04
CA ALA F 89 -24.26 -22.86 -12.75
C ALA F 89 -25.64 -23.53 -12.55
N GLU F 90 -26.50 -23.38 -13.55
CA GLU F 90 -27.82 -23.91 -13.47
C GLU F 90 -27.80 -25.43 -13.45
N PHE F 91 -26.86 -26.03 -14.12
CA PHE F 91 -26.78 -27.53 -14.12
C PHE F 91 -26.68 -28.09 -12.70
N TRP F 92 -25.69 -27.65 -11.90
CA TRP F 92 -25.49 -28.21 -10.54
C TRP F 92 -26.67 -27.80 -9.58
N LYS F 93 -27.27 -26.65 -9.79
CA LYS F 93 -28.41 -26.20 -9.00
C LYS F 93 -29.64 -27.07 -9.27
N ARG F 94 -29.86 -27.41 -10.52
CA ARG F 94 -30.91 -28.34 -10.84
C ARG F 94 -30.67 -29.77 -10.33
N LEU F 95 -29.43 -30.20 -10.33
CA LEU F 95 -29.07 -31.43 -9.76
C LEU F 95 -29.36 -31.40 -8.23
N TYR F 96 -29.02 -30.28 -7.57
CA TYR F 96 -29.32 -30.16 -6.15
C TYR F 96 -30.79 -30.41 -5.91
N THR F 97 -31.63 -29.80 -6.68
CA THR F 97 -33.07 -30.01 -6.54
C THR F 97 -33.43 -31.46 -6.55
N LYS F 98 -32.84 -32.23 -7.49
CA LYS F 98 -33.06 -33.65 -7.59
C LYS F 98 -32.55 -34.46 -6.46
N MSE F 99 -31.33 -34.21 -6.05
CA MSE F 99 -30.78 -34.94 -4.95
C MSE F 99 -31.40 -34.59 -3.59
O MSE F 99 -31.45 -35.45 -2.66
CB MSE F 99 -29.28 -34.66 -4.90
CG MSE F 99 -28.60 -35.10 -6.08
SE MSE F 99 -26.66 -34.99 -5.80
CE MSE F 99 -26.34 -36.25 -4.33
N ASN F 100 -31.84 -33.34 -3.45
CA ASN F 100 -32.37 -32.86 -2.17
C ASN F 100 -33.68 -33.55 -1.89
N ASP F 101 -34.48 -33.70 -2.96
CA ASP F 101 -35.72 -34.49 -2.97
C ASP F 101 -35.57 -35.91 -2.45
N LYS F 102 -34.46 -36.56 -2.78
CA LYS F 102 -34.25 -37.94 -2.42
C LYS F 102 -33.62 -38.01 -1.02
N GLU F 108 -28.92 -32.94 5.93
CA GLU F 108 -28.80 -31.49 5.81
C GLU F 108 -28.55 -31.08 4.32
N SER F 109 -29.46 -30.21 3.87
CA SER F 109 -29.42 -29.57 2.57
C SER F 109 -28.15 -28.81 2.36
N THR F 110 -27.75 -28.04 3.37
CA THR F 110 -26.52 -27.30 3.27
C THR F 110 -25.30 -28.20 2.93
N GLU F 111 -25.14 -29.27 3.70
CA GLU F 111 -24.11 -30.27 3.49
C GLU F 111 -24.08 -30.79 2.03
N LEU F 112 -25.24 -31.08 1.49
CA LEU F 112 -25.44 -31.48 0.15
C LEU F 112 -24.91 -30.45 -0.86
N ILE F 113 -25.22 -29.16 -0.65
CA ILE F 113 -24.83 -28.11 -1.53
C ILE F 113 -23.32 -28.09 -1.57
N TRP F 114 -22.71 -28.19 -0.40
CA TRP F 114 -21.27 -28.21 -0.34
C TRP F 114 -20.63 -29.47 -0.99
N GLN F 115 -21.19 -30.67 -0.82
CA GLN F 115 -20.76 -31.84 -1.57
C GLN F 115 -20.81 -31.60 -3.09
N ILE F 116 -21.92 -31.06 -3.59
CA ILE F 116 -22.05 -30.80 -4.98
C ILE F 116 -20.97 -29.77 -5.43
N ASP F 117 -20.80 -28.68 -4.71
CA ASP F 117 -19.82 -27.63 -5.09
C ASP F 117 -18.37 -28.26 -5.17
N ARG F 118 -18.03 -29.06 -4.16
CA ARG F 118 -16.73 -29.68 -4.09
C ARG F 118 -16.43 -30.51 -5.37
N PHE F 119 -17.43 -31.24 -5.77
CA PHE F 119 -17.35 -32.05 -6.98
C PHE F 119 -17.27 -31.20 -8.27
N PHE F 120 -18.22 -30.28 -8.41
CA PHE F 120 -18.36 -29.52 -9.65
C PHE F 120 -17.39 -28.36 -9.88
N SER F 121 -17.06 -27.64 -8.84
CA SER F 121 -16.35 -26.40 -8.97
C SER F 121 -15.04 -26.48 -9.71
N PRO F 122 -14.18 -27.44 -9.43
CA PRO F 122 -12.91 -27.48 -10.19
C PRO F 122 -13.04 -27.98 -11.59
N ILE F 123 -14.05 -28.82 -11.85
CA ILE F 123 -14.41 -29.16 -13.24
C ILE F 123 -14.80 -27.96 -14.01
N ASN F 124 -15.70 -27.20 -13.42
CA ASN F 124 -16.26 -26.03 -14.14
C ASN F 124 -15.23 -25.00 -14.36
N THR F 125 -14.40 -24.76 -13.36
CA THR F 125 -13.40 -23.71 -13.51
C THR F 125 -12.39 -24.11 -14.61
N GLU F 126 -12.11 -25.44 -14.72
CA GLU F 126 -11.27 -25.99 -15.76
C GLU F 126 -11.84 -25.75 -17.16
N ILE F 127 -13.14 -25.98 -17.30
CA ILE F 127 -13.81 -25.71 -18.52
C ILE F 127 -13.75 -24.22 -18.89
N PHE F 128 -13.93 -23.35 -17.92
CA PHE F 128 -13.81 -21.96 -18.15
C PHE F 128 -12.44 -21.55 -18.58
N ASN F 129 -11.40 -22.03 -17.92
CA ASN F 129 -10.10 -21.77 -18.39
C ASN F 129 -9.82 -22.24 -19.82
N GLN F 130 -10.29 -23.48 -20.17
CA GLN F 130 -9.99 -24.01 -21.50
C GLN F 130 -10.81 -23.22 -22.55
N TYR F 131 -11.94 -22.69 -22.15
CA TYR F 131 -12.73 -21.83 -23.07
C TYR F 131 -11.89 -20.59 -23.41
N SER F 132 -11.34 -19.92 -22.40
CA SER F 132 -10.67 -18.67 -22.63
C SER F 132 -9.35 -18.96 -23.40
N ILE F 133 -8.75 -20.12 -23.08
CA ILE F 133 -7.43 -20.50 -23.63
C ILE F 133 -7.58 -20.66 -25.07
N SER F 134 -8.73 -21.13 -25.52
CA SER F 134 -8.90 -21.32 -26.95
C SER F 134 -8.50 -19.94 -27.68
N TRP F 135 -8.93 -18.82 -27.06
CA TRP F 135 -8.67 -17.47 -27.60
C TRP F 135 -7.25 -16.93 -27.30
N GLU F 136 -6.83 -17.00 -26.02
CA GLU F 136 -5.42 -16.69 -25.64
C GLU F 136 -4.57 -17.55 -26.58
NA NA G . 7.07 -1.66 6.87
NA NA H . -5.83 3.54 -4.66
NA NA I . -8.53 -38.45 -22.12
#